data_3IAU
#
_entry.id   3IAU
#
_cell.length_a   136.834
_cell.length_b   136.834
_cell.length_c   254.226
_cell.angle_alpha   90.00
_cell.angle_beta   90.00
_cell.angle_gamma   120.00
#
_symmetry.space_group_name_H-M   'P 61 2 2'
#
loop_
_entity.id
_entity.type
_entity.pdbx_description
1 polymer 'Threonine deaminase'
2 non-polymer 'SULFATE ION'
3 non-polymer 'POLYETHYLENE GLYCOL (N=34)'
4 non-polymer 'ACETATE ION'
5 water water
#
_entity_poly.entity_id   1
_entity_poly.type   'polypeptide(L)'
_entity_poly.pdbx_seq_one_letter_code
;MSPIVSVPDITAPVENVPAILPKVVPGELIVNKPTGGDSDELFQYLVDILASPVYDVAIESPLELAEKLSDRLGVNFYIK
REDKQRVFSF(LLP)LRGAYNMMSNLSREELDKGVITASAGNHAQGVALAGQRLNCVAKIVMPTTTPQIKIDAVRALGGD
VVLYGKTFDEAQTHALELSEKDGLKYIPPFDDPGVIKGQGTIGTEINRQLKDIHAVFIPVGGGGLIAGVATFFKQIAPNT
KIIGVEPYGAASMTLSLHEGHRVKLSNVDTFADGVAVALVGEYTFAKCQELIDGMVLVANDGISAAIKDVYDEGRNILET
SGAVAIAGAAAYCEFYKIKNENIVAIASGANMDFSKLHKVTELAGLGSGK
;
_entity_poly.pdbx_strand_id   A,B
#
# COMPACT_ATOMS: atom_id res chain seq x y z
N MET A 1 13.27 7.06 -20.07
CA MET A 1 13.86 7.04 -21.40
C MET A 1 12.84 6.99 -22.54
N SER A 2 13.28 6.53 -23.71
CA SER A 2 12.37 6.21 -24.79
C SER A 2 12.54 4.72 -25.04
N PRO A 3 11.54 4.06 -25.66
CA PRO A 3 11.66 2.62 -25.91
C PRO A 3 12.69 2.30 -27.01
N ILE A 4 13.59 1.37 -26.70
CA ILE A 4 14.52 0.85 -27.70
C ILE A 4 13.88 -0.37 -28.35
N VAL A 5 13.61 -0.28 -29.65
CA VAL A 5 12.78 -1.27 -30.33
C VAL A 5 13.54 -2.23 -31.27
N SER A 6 14.42 -1.67 -32.10
CA SER A 6 15.01 -2.49 -33.16
C SER A 6 16.55 -2.48 -33.22
N VAL A 7 17.18 -1.40 -32.80
CA VAL A 7 18.63 -1.31 -32.95
C VAL A 7 19.35 -2.32 -32.05
N PRO A 8 20.48 -2.86 -32.52
CA PRO A 8 21.27 -3.78 -31.70
C PRO A 8 22.00 -2.99 -30.62
N ASP A 9 22.42 -3.67 -29.56
CA ASP A 9 23.14 -3.00 -28.48
C ASP A 9 24.55 -2.63 -28.91
N ILE A 10 24.96 -1.41 -28.56
CA ILE A 10 26.28 -0.90 -28.89
C ILE A 10 26.95 -0.32 -27.65
N THR A 11 26.40 -0.65 -26.49
CA THR A 11 26.94 -0.18 -25.21
C THR A 11 28.42 -0.47 -25.11
N ALA A 12 29.18 0.49 -24.60
CA ALA A 12 30.63 0.34 -24.52
C ALA A 12 31.00 -0.89 -23.68
N PRO A 13 31.78 -1.81 -24.27
CA PRO A 13 32.24 -3.03 -23.62
C PRO A 13 33.31 -2.74 -22.58
N VAL A 14 33.27 -3.46 -21.46
CA VAL A 14 34.29 -3.33 -20.42
C VAL A 14 34.76 -4.71 -19.99
N GLU A 15 36.08 -4.88 -19.97
CA GLU A 15 36.67 -6.15 -19.56
C GLU A 15 36.50 -6.36 -18.06
N ASN A 16 35.69 -7.33 -17.67
CA ASN A 16 35.39 -7.55 -16.26
C ASN A 16 36.56 -8.19 -15.51
N VAL A 17 37.35 -7.35 -14.86
CA VAL A 17 38.61 -7.75 -14.25
C VAL A 17 38.79 -7.02 -12.92
N PRO A 18 39.32 -7.72 -11.92
CA PRO A 18 39.42 -7.18 -10.55
C PRO A 18 39.91 -5.74 -10.50
N ALA A 19 40.83 -5.37 -11.39
CA ALA A 19 41.41 -4.04 -11.38
C ALA A 19 40.41 -2.91 -11.61
N ILE A 20 39.22 -3.23 -12.12
CA ILE A 20 38.22 -2.21 -12.42
C ILE A 20 37.26 -1.87 -11.26
N LEU A 21 37.06 -2.82 -10.36
CA LEU A 21 36.16 -2.63 -9.22
C LEU A 21 36.65 -1.53 -8.28
N PRO A 22 35.71 -0.77 -7.70
CA PRO A 22 36.11 0.11 -6.60
C PRO A 22 36.66 -0.75 -5.47
N LYS A 23 37.70 -0.26 -4.81
CA LYS A 23 38.34 -1.00 -3.72
C LYS A 23 37.56 -0.81 -2.43
N VAL A 24 36.50 -1.59 -2.27
CA VAL A 24 35.71 -1.56 -1.06
C VAL A 24 35.58 -2.96 -0.51
N VAL A 25 35.43 -3.06 0.81
CA VAL A 25 35.14 -4.32 1.45
C VAL A 25 33.62 -4.53 1.43
N PRO A 26 33.16 -5.76 1.65
CA PRO A 26 31.71 -6.02 1.66
C PRO A 26 30.97 -5.09 2.63
N GLY A 27 29.89 -4.46 2.17
CA GLY A 27 29.08 -3.60 3.01
C GLY A 27 29.48 -2.13 3.00
N GLU A 28 30.67 -1.83 2.51
CA GLU A 28 31.13 -0.45 2.39
C GLU A 28 30.37 0.23 1.24
N LEU A 29 29.77 1.38 1.53
CA LEU A 29 28.88 2.03 0.57
C LEU A 29 29.64 2.69 -0.57
N ILE A 30 29.30 2.31 -1.80
CA ILE A 30 29.80 3.05 -2.95
C ILE A 30 28.76 4.11 -3.23
N VAL A 31 29.07 5.35 -2.86
CA VAL A 31 28.11 6.44 -2.87
C VAL A 31 27.62 6.82 -4.27
N ASN A 32 26.30 6.95 -4.40
CA ASN A 32 25.71 7.56 -5.57
C ASN A 32 25.15 8.91 -5.18
N LYS A 33 25.32 9.90 -6.04
CA LYS A 33 24.70 11.20 -5.82
C LYS A 33 23.48 11.34 -6.71
N PRO A 34 22.29 11.04 -6.15
CA PRO A 34 21.04 10.97 -6.93
C PRO A 34 20.74 12.33 -7.53
N THR A 35 20.30 12.35 -8.80
CA THR A 35 20.00 13.62 -9.46
C THR A 35 18.57 14.09 -9.19
N GLY A 36 17.71 13.18 -8.73
CA GLY A 36 16.37 13.56 -8.31
C GLY A 36 15.22 13.05 -9.16
N GLY A 37 15.40 12.99 -10.47
CA GLY A 37 14.29 12.59 -11.31
C GLY A 37 13.22 13.67 -11.45
N ASP A 38 12.18 13.36 -12.22
CA ASP A 38 11.16 14.34 -12.53
C ASP A 38 9.92 14.14 -11.66
N SER A 39 9.44 15.23 -11.05
CA SER A 39 8.30 15.18 -10.14
C SER A 39 7.05 14.55 -10.74
N ASP A 40 6.67 15.01 -11.93
CA ASP A 40 5.53 14.45 -12.63
C ASP A 40 5.72 12.98 -12.99
N GLU A 41 6.91 12.62 -13.47
CA GLU A 41 7.13 11.24 -13.87
C GLU A 41 7.05 10.31 -12.67
N LEU A 42 7.67 10.73 -11.56
CA LEU A 42 7.65 9.96 -10.33
C LEU A 42 6.22 9.80 -9.81
N PHE A 43 5.44 10.88 -9.91
CA PHE A 43 4.04 10.89 -9.47
C PHE A 43 3.22 9.91 -10.30
N GLN A 44 3.45 9.88 -11.61
CA GLN A 44 2.77 8.92 -12.48
C GLN A 44 3.11 7.48 -12.06
N TYR A 45 4.39 7.24 -11.76
CA TYR A 45 4.81 5.94 -11.24
C TYR A 45 4.08 5.57 -9.93
N LEU A 46 4.01 6.51 -9.00
CA LEU A 46 3.39 6.27 -7.70
C LEU A 46 1.95 5.80 -7.88
N VAL A 47 1.21 6.54 -8.69
CA VAL A 47 -0.18 6.23 -8.97
C VAL A 47 -0.34 4.90 -9.69
N ASP A 48 0.53 4.64 -10.65
CA ASP A 48 0.45 3.38 -11.39
C ASP A 48 0.77 2.20 -10.48
N ILE A 49 1.72 2.40 -9.57
CA ILE A 49 2.08 1.36 -8.60
C ILE A 49 0.90 1.07 -7.67
N LEU A 50 0.24 2.13 -7.21
CA LEU A 50 -0.91 1.97 -6.31
C LEU A 50 -2.10 1.34 -7.03
N ALA A 51 -2.18 1.54 -8.33
CA ALA A 51 -3.28 1.00 -9.13
C ALA A 51 -3.01 -0.40 -9.67
N SER A 52 -1.79 -0.88 -9.49
CA SER A 52 -1.40 -2.17 -10.07
C SER A 52 -2.21 -3.34 -9.50
N PRO A 53 -2.74 -4.19 -10.39
CA PRO A 53 -3.54 -5.34 -9.97
C PRO A 53 -2.70 -6.57 -9.57
N VAL A 54 -1.49 -6.38 -9.06
CA VAL A 54 -0.62 -7.52 -8.73
C VAL A 54 -1.28 -8.58 -7.84
N TYR A 55 -2.18 -8.14 -6.96
CA TYR A 55 -2.79 -9.07 -5.99
C TYR A 55 -3.72 -10.10 -6.62
N ASP A 56 -3.94 -9.99 -7.93
CA ASP A 56 -4.60 -11.06 -8.66
C ASP A 56 -3.75 -12.33 -8.64
N VAL A 57 -2.44 -12.18 -8.45
CA VAL A 57 -1.55 -13.34 -8.47
C VAL A 57 -0.61 -13.40 -7.26
N ALA A 58 -0.27 -12.24 -6.72
CA ALA A 58 0.68 -12.13 -5.62
C ALA A 58 -0.01 -11.91 -4.27
N ILE A 59 0.71 -12.23 -3.19
CA ILE A 59 0.26 -11.89 -1.85
C ILE A 59 1.10 -10.74 -1.34
N GLU A 60 0.63 -10.07 -0.30
CA GLU A 60 1.51 -9.21 0.46
C GLU A 60 2.39 -10.13 1.30
N SER A 61 3.66 -10.22 0.93
CA SER A 61 4.56 -11.17 1.55
C SER A 61 5.00 -10.70 2.95
N PRO A 62 5.35 -11.66 3.83
CA PRO A 62 5.76 -11.30 5.19
C PRO A 62 6.99 -10.40 5.21
N LEU A 63 6.99 -9.45 6.16
CA LEU A 63 8.19 -8.72 6.49
C LEU A 63 8.61 -9.23 7.87
N GLU A 64 9.58 -10.14 7.88
CA GLU A 64 9.91 -10.89 9.09
C GLU A 64 11.14 -10.37 9.82
N LEU A 65 10.99 -10.18 11.13
CA LEU A 65 12.11 -9.85 11.99
C LEU A 65 12.97 -11.09 12.11
N ALA A 66 14.23 -10.99 11.70
CA ALA A 66 15.17 -12.10 11.84
C ALA A 66 15.84 -12.01 13.20
N GLU A 67 15.44 -12.91 14.09
CA GLU A 67 15.84 -12.83 15.49
C GLU A 67 17.34 -12.98 15.73
N LYS A 68 17.95 -14.01 15.16
CA LYS A 68 19.37 -14.29 15.38
C LYS A 68 20.24 -13.19 14.78
N LEU A 69 19.92 -12.82 13.55
CA LEU A 69 20.65 -11.79 12.83
C LEU A 69 20.53 -10.47 13.59
N SER A 70 19.33 -10.19 14.10
CA SER A 70 19.10 -8.96 14.87
C SER A 70 19.91 -8.94 16.16
N ASP A 71 19.96 -10.07 16.86
CA ASP A 71 20.73 -10.14 18.10
C ASP A 71 22.22 -9.99 17.81
N ARG A 72 22.69 -10.65 16.75
CA ARG A 72 24.10 -10.59 16.38
C ARG A 72 24.54 -9.19 15.97
N LEU A 73 23.70 -8.51 15.19
CA LEU A 73 24.07 -7.21 14.63
C LEU A 73 23.67 -6.03 15.53
N GLY A 74 22.78 -6.28 16.47
CA GLY A 74 22.30 -5.22 17.34
C GLY A 74 21.41 -4.22 16.62
N VAL A 75 20.70 -4.70 15.61
CA VAL A 75 19.71 -3.87 14.91
C VAL A 75 18.42 -4.65 14.79
N ASN A 76 17.35 -3.99 14.35
CA ASN A 76 16.14 -4.70 13.97
C ASN A 76 16.22 -5.06 12.50
N PHE A 77 16.58 -6.31 12.23
CA PHE A 77 16.87 -6.78 10.89
C PHE A 77 15.65 -7.49 10.34
N TYR A 78 15.03 -6.88 9.34
CA TYR A 78 13.82 -7.43 8.74
C TYR A 78 14.12 -7.96 7.35
N ILE A 79 13.45 -9.06 7.00
CA ILE A 79 13.63 -9.67 5.70
C ILE A 79 12.28 -9.73 4.98
N LYS A 80 12.23 -9.12 3.80
CA LYS A 80 11.00 -9.14 3.00
C LYS A 80 10.97 -10.42 2.18
N ARG A 81 9.99 -11.27 2.45
CA ARG A 81 10.00 -12.64 1.95
C ARG A 81 9.28 -12.81 0.61
N GLU A 82 9.83 -12.25 -0.46
CA GLU A 82 9.25 -12.47 -1.78
C GLU A 82 9.43 -13.91 -2.25
N ASP A 83 10.27 -14.68 -1.57
CA ASP A 83 10.42 -16.09 -1.90
C ASP A 83 9.17 -16.88 -1.52
N LYS A 84 8.26 -16.25 -0.79
CA LYS A 84 7.01 -16.88 -0.37
C LYS A 84 5.86 -16.67 -1.36
N GLN A 85 6.14 -16.03 -2.49
CA GLN A 85 5.13 -15.93 -3.56
C GLN A 85 4.92 -17.29 -4.21
N ARG A 86 3.80 -17.43 -4.90
CA ARG A 86 3.44 -18.67 -5.58
C ARG A 86 4.58 -19.29 -6.41
N VAL A 87 5.32 -18.46 -7.15
CA VAL A 87 6.40 -18.96 -8.01
C VAL A 87 7.80 -18.81 -7.38
N PHE A 88 7.83 -18.62 -6.06
CA PHE A 88 9.06 -18.57 -5.29
C PHE A 88 10.00 -17.40 -5.64
N SER A 89 9.46 -16.34 -6.23
CA SER A 89 10.22 -15.12 -6.40
C SER A 89 9.25 -13.95 -6.61
N PHE A 90 9.79 -12.74 -6.64
CA PHE A 90 8.97 -11.54 -6.81
C PHE A 90 8.50 -11.33 -8.25
N LEU A 92 6.62 -12.62 -10.48
CA LEU A 92 5.23 -12.66 -10.92
C LEU A 92 4.61 -11.25 -10.95
N ARG A 93 5.15 -10.33 -10.15
CA ARG A 93 4.54 -8.99 -10.03
C ARG A 93 4.70 -8.14 -11.30
N GLY A 94 5.94 -7.92 -11.70
CA GLY A 94 6.23 -7.14 -12.89
C GLY A 94 5.59 -7.74 -14.13
N ALA A 95 5.71 -9.04 -14.30
CA ALA A 95 5.15 -9.73 -15.47
C ALA A 95 3.64 -9.56 -15.57
N TYR A 96 2.95 -9.76 -14.45
CA TYR A 96 1.51 -9.61 -14.45
C TYR A 96 1.09 -8.17 -14.70
N ASN A 97 1.77 -7.23 -14.05
CA ASN A 97 1.41 -5.84 -14.24
C ASN A 97 1.52 -5.42 -15.70
N MET A 98 2.64 -5.76 -16.33
CA MET A 98 2.88 -5.37 -17.72
CA MET A 98 2.88 -5.38 -17.72
C MET A 98 1.90 -6.07 -18.67
N MET A 99 1.72 -7.37 -18.49
CA MET A 99 0.81 -8.14 -19.34
C MET A 99 -0.65 -7.73 -19.15
N SER A 100 -1.02 -7.39 -17.93
CA SER A 100 -2.40 -7.02 -17.65
C SER A 100 -2.77 -5.70 -18.33
N ASN A 101 -1.76 -4.94 -18.74
CA ASN A 101 -1.96 -3.68 -19.46
C ASN A 101 -1.99 -3.84 -20.98
N LEU A 102 -1.84 -5.06 -21.46
CA LEU A 102 -1.91 -5.32 -22.89
C LEU A 102 -3.36 -5.36 -23.37
N SER A 103 -3.57 -5.04 -24.64
CA SER A 103 -4.90 -5.09 -25.23
C SER A 103 -5.35 -6.54 -25.30
N ARG A 104 -6.66 -6.77 -25.29
CA ARG A 104 -7.18 -8.13 -25.40
C ARG A 104 -6.73 -8.78 -26.70
N GLU A 105 -6.58 -7.96 -27.73
CA GLU A 105 -6.09 -8.45 -29.01
C GLU A 105 -4.66 -8.97 -28.89
N GLU A 106 -3.79 -8.17 -28.29
CA GLU A 106 -2.41 -8.57 -28.04
C GLU A 106 -2.33 -9.88 -27.25
N LEU A 107 -3.18 -10.00 -26.23
CA LEU A 107 -3.18 -11.20 -25.40
C LEU A 107 -3.69 -12.42 -26.16
N ASP A 108 -4.63 -12.20 -27.07
CA ASP A 108 -5.18 -13.29 -27.87
C ASP A 108 -4.13 -13.86 -28.83
N LYS A 109 -3.28 -12.99 -29.37
CA LYS A 109 -2.17 -13.45 -30.19
C LYS A 109 -1.25 -14.33 -29.36
N GLY A 110 -0.97 -13.89 -28.15
CA GLY A 110 -0.04 -14.58 -27.28
C GLY A 110 1.20 -13.75 -27.07
N VAL A 111 1.91 -14.02 -25.98
CA VAL A 111 3.11 -13.27 -25.64
C VAL A 111 4.31 -14.20 -25.64
N ILE A 112 5.50 -13.62 -25.63
CA ILE A 112 6.71 -14.42 -25.68
C ILE A 112 7.79 -13.80 -24.83
N THR A 113 8.61 -14.66 -24.22
CA THR A 113 9.82 -14.22 -23.55
C THR A 113 10.82 -15.37 -23.61
N ALA A 114 12.07 -15.10 -23.25
CA ALA A 114 13.06 -16.16 -23.17
C ALA A 114 13.56 -16.27 -21.74
N SER A 115 13.43 -17.46 -21.17
CA SER A 115 13.80 -17.72 -19.79
C SER A 115 13.48 -19.16 -19.40
N ALA A 116 14.27 -19.73 -18.51
CA ALA A 116 13.97 -21.04 -17.95
C ALA A 116 13.96 -20.95 -16.44
N GLY A 117 13.92 -19.73 -15.92
CA GLY A 117 13.99 -19.49 -14.49
C GLY A 117 12.84 -18.69 -13.92
N ASN A 118 13.16 -17.71 -13.09
CA ASN A 118 12.17 -17.01 -12.30
C ASN A 118 11.20 -16.15 -13.13
N HIS A 119 11.73 -15.46 -14.13
CA HIS A 119 10.92 -14.64 -15.02
C HIS A 119 9.97 -15.51 -15.85
N ALA A 120 10.46 -16.64 -16.33
CA ALA A 120 9.63 -17.59 -17.07
C ALA A 120 8.40 -17.98 -16.24
N GLN A 121 8.60 -18.25 -14.95
CA GLN A 121 7.50 -18.68 -14.10
C GLN A 121 6.49 -17.55 -13.88
N GLY A 122 6.96 -16.33 -13.69
CA GLY A 122 6.07 -15.21 -13.52
C GLY A 122 5.22 -14.98 -14.77
N VAL A 123 5.87 -15.02 -15.92
CA VAL A 123 5.17 -14.82 -17.20
C VAL A 123 4.16 -15.93 -17.45
N ALA A 124 4.54 -17.18 -17.22
CA ALA A 124 3.63 -18.29 -17.43
C ALA A 124 2.42 -18.17 -16.51
N LEU A 125 2.67 -17.85 -15.25
CA LEU A 125 1.59 -17.67 -14.29
C LEU A 125 0.64 -16.56 -14.71
N ALA A 126 1.19 -15.43 -15.15
CA ALA A 126 0.37 -14.31 -15.57
C ALA A 126 -0.42 -14.69 -16.81
N GLY A 127 0.17 -15.51 -17.66
CA GLY A 127 -0.50 -15.97 -18.87
C GLY A 127 -1.74 -16.78 -18.54
N GLN A 128 -1.61 -17.64 -17.54
CA GLN A 128 -2.71 -18.48 -17.09
C GLN A 128 -3.84 -17.64 -16.51
N ARG A 129 -3.50 -16.63 -15.71
CA ARG A 129 -4.51 -15.79 -15.08
C ARG A 129 -5.22 -14.90 -16.10
N LEU A 130 -4.49 -14.48 -17.12
CA LEU A 130 -5.03 -13.59 -18.14
C LEU A 130 -5.59 -14.38 -19.32
N ASN A 131 -5.69 -15.69 -19.14
CA ASN A 131 -6.23 -16.57 -20.17
C ASN A 131 -5.59 -16.34 -21.53
N CYS A 132 -4.26 -16.32 -21.56
CA CYS A 132 -3.54 -16.14 -22.81
C CYS A 132 -2.30 -17.03 -22.88
N VAL A 133 -1.95 -17.45 -24.09
CA VAL A 133 -0.81 -18.35 -24.28
C VAL A 133 0.50 -17.60 -24.16
N ALA A 134 1.34 -18.04 -23.25
CA ALA A 134 2.67 -17.47 -23.12
C ALA A 134 3.69 -18.46 -23.65
N LYS A 135 4.38 -18.05 -24.71
CA LYS A 135 5.43 -18.89 -25.27
C LYS A 135 6.73 -18.56 -24.57
N ILE A 136 7.24 -19.52 -23.81
CA ILE A 136 8.51 -19.36 -23.13
C ILE A 136 9.57 -20.12 -23.90
N VAL A 137 10.57 -19.40 -24.38
CA VAL A 137 11.67 -20.00 -25.13
C VAL A 137 12.82 -20.32 -24.19
N MET A 138 13.23 -21.58 -24.17
CA MET A 138 14.35 -22.02 -23.35
C MET A 138 15.37 -22.74 -24.22
N PRO A 139 16.65 -22.70 -23.81
CA PRO A 139 17.66 -23.49 -24.51
C PRO A 139 17.29 -24.97 -24.50
N THR A 140 17.75 -25.72 -25.50
CA THR A 140 17.48 -27.15 -25.59
C THR A 140 18.21 -27.92 -24.49
N THR A 141 19.19 -27.27 -23.86
CA THR A 141 20.00 -27.89 -22.84
C THR A 141 19.44 -27.72 -21.42
N THR A 142 18.16 -27.36 -21.32
CA THR A 142 17.55 -27.04 -20.04
C THR A 142 17.10 -28.27 -19.25
N PRO A 143 17.51 -28.36 -17.98
CA PRO A 143 17.05 -29.43 -17.09
C PRO A 143 15.55 -29.65 -17.25
N GLN A 144 15.14 -30.90 -17.49
CA GLN A 144 13.73 -31.21 -17.73
C GLN A 144 12.81 -30.70 -16.62
N ILE A 145 13.32 -30.68 -15.39
CA ILE A 145 12.52 -30.32 -14.22
C ILE A 145 12.12 -28.84 -14.23
N LYS A 146 12.90 -28.01 -14.90
CA LYS A 146 12.56 -26.59 -15.03
C LYS A 146 11.57 -26.37 -16.17
N ILE A 147 11.71 -27.17 -17.23
CA ILE A 147 10.73 -27.17 -18.32
C ILE A 147 9.37 -27.57 -17.76
N ASP A 148 9.37 -28.56 -16.88
CA ASP A 148 8.14 -29.04 -16.25
C ASP A 148 7.57 -27.99 -15.31
N ALA A 149 8.45 -27.28 -14.61
CA ALA A 149 8.02 -26.22 -13.70
C ALA A 149 7.22 -25.15 -14.47
N VAL A 150 7.71 -24.78 -15.65
CA VAL A 150 7.03 -23.77 -16.47
C VAL A 150 5.81 -24.34 -17.17
N ARG A 151 5.88 -25.58 -17.63
CA ARG A 151 4.73 -26.23 -18.24
C ARG A 151 3.62 -26.45 -17.22
N ALA A 152 4.01 -26.72 -15.98
CA ALA A 152 3.04 -26.91 -14.91
C ALA A 152 2.21 -25.65 -14.70
N LEU A 153 2.79 -24.50 -15.00
CA LEU A 153 2.10 -23.23 -14.85
C LEU A 153 1.23 -22.92 -16.06
N GLY A 154 1.42 -23.70 -17.12
CA GLY A 154 0.59 -23.58 -18.30
C GLY A 154 1.34 -22.96 -19.45
N GLY A 155 2.66 -22.84 -19.27
CA GLY A 155 3.50 -22.22 -20.27
C GLY A 155 3.65 -23.10 -21.50
N ASP A 156 3.61 -22.47 -22.67
CA ASP A 156 3.92 -23.15 -23.92
C ASP A 156 5.42 -23.04 -24.15
N VAL A 157 6.17 -23.96 -23.59
CA VAL A 157 7.64 -23.89 -23.67
C VAL A 157 8.15 -24.34 -25.03
N VAL A 158 9.21 -23.68 -25.47
CA VAL A 158 9.84 -23.98 -26.75
C VAL A 158 11.34 -24.09 -26.55
N LEU A 159 11.92 -25.19 -27.03
CA LEU A 159 13.35 -25.41 -26.93
C LEU A 159 14.08 -24.86 -28.16
N TYR A 160 15.19 -24.18 -27.92
CA TYR A 160 15.99 -23.58 -28.99
C TYR A 160 17.28 -22.97 -28.43
N GLY A 161 18.37 -23.17 -29.16
CA GLY A 161 19.66 -22.63 -28.75
C GLY A 161 20.34 -23.48 -27.71
N LYS A 162 21.61 -23.18 -27.44
CA LYS A 162 22.37 -23.89 -26.42
C LYS A 162 22.54 -23.01 -25.19
N THR A 163 22.46 -21.70 -25.39
CA THR A 163 22.54 -20.74 -24.29
C THR A 163 21.30 -19.86 -24.21
N PHE A 164 21.19 -19.15 -23.09
CA PHE A 164 20.09 -18.23 -22.86
C PHE A 164 20.05 -17.11 -23.92
N ASP A 165 21.22 -16.72 -24.40
CA ASP A 165 21.30 -15.67 -25.41
C ASP A 165 20.73 -16.09 -26.76
N GLU A 166 21.01 -17.32 -27.17
CA GLU A 166 20.47 -17.84 -28.43
C GLU A 166 18.97 -18.06 -28.33
N ALA A 167 18.53 -18.58 -27.18
CA ALA A 167 17.11 -18.72 -26.90
C ALA A 167 16.44 -17.34 -26.91
N GLN A 168 17.12 -16.37 -26.29
CA GLN A 168 16.63 -15.00 -26.21
C GLN A 168 16.53 -14.35 -27.58
N THR A 169 17.61 -14.44 -28.34
CA THR A 169 17.64 -13.92 -29.70
C THR A 169 16.50 -14.52 -30.52
N HIS A 170 16.37 -15.84 -30.44
CA HIS A 170 15.31 -16.54 -31.16
C HIS A 170 13.92 -16.09 -30.73
N ALA A 171 13.77 -15.85 -29.43
CA ALA A 171 12.49 -15.40 -28.87
C ALA A 171 12.18 -13.98 -29.34
N LEU A 172 13.19 -13.14 -29.38
CA LEU A 172 13.05 -11.76 -29.86
C LEU A 172 12.69 -11.69 -31.35
N GLU A 173 13.40 -12.44 -32.19
CA GLU A 173 13.13 -12.42 -33.61
C GLU A 173 11.82 -13.13 -33.93
N LEU A 174 11.49 -14.14 -33.12
CA LEU A 174 10.22 -14.83 -33.26
C LEU A 174 9.11 -13.87 -32.85
N SER A 175 9.47 -12.90 -32.02
CA SER A 175 8.52 -11.88 -31.56
C SER A 175 8.12 -10.97 -32.69
N GLU A 176 9.10 -10.41 -33.39
CA GLU A 176 8.84 -9.53 -34.52
C GLU A 176 8.18 -10.29 -35.67
N LYS A 177 8.66 -11.51 -35.91
CA LYS A 177 8.12 -12.35 -36.98
C LYS A 177 6.65 -12.70 -36.77
N ASP A 178 6.35 -13.35 -35.64
CA ASP A 178 4.99 -13.81 -35.37
C ASP A 178 4.08 -12.73 -34.82
N GLY A 179 4.63 -11.54 -34.58
CA GLY A 179 3.86 -10.43 -34.04
C GLY A 179 3.43 -10.63 -32.60
N LEU A 180 4.25 -11.34 -31.84
CA LEU A 180 3.98 -11.57 -30.41
C LEU A 180 4.67 -10.52 -29.54
N LYS A 181 3.93 -9.98 -28.58
CA LYS A 181 4.50 -9.01 -27.65
C LYS A 181 5.59 -9.67 -26.80
N TYR A 182 6.77 -9.05 -26.75
CA TYR A 182 7.83 -9.57 -25.90
C TYR A 182 7.68 -9.05 -24.47
N ILE A 183 7.72 -9.97 -23.50
CA ILE A 183 7.65 -9.58 -22.09
C ILE A 183 9.04 -9.52 -21.48
N PRO A 184 9.55 -8.29 -21.24
CA PRO A 184 10.91 -8.08 -20.74
C PRO A 184 11.06 -8.41 -19.25
N PRO A 185 12.22 -8.93 -18.87
CA PRO A 185 12.48 -9.32 -17.47
C PRO A 185 12.62 -8.12 -16.54
N PHE A 186 13.03 -6.96 -17.07
CA PHE A 186 13.22 -5.78 -16.22
C PHE A 186 13.08 -4.40 -16.91
N ASP A 187 13.53 -4.29 -18.15
CA ASP A 187 13.70 -2.97 -18.77
C ASP A 187 12.41 -2.43 -19.38
N ASP A 188 11.45 -2.11 -18.53
CA ASP A 188 10.12 -1.70 -18.99
C ASP A 188 9.33 -1.05 -17.85
N PRO A 189 8.79 0.16 -18.09
CA PRO A 189 8.00 0.86 -17.07
C PRO A 189 6.91 -0.02 -16.44
N GLY A 190 6.16 -0.76 -17.25
CA GLY A 190 5.14 -1.65 -16.71
C GLY A 190 5.71 -2.65 -15.73
N VAL A 191 6.87 -3.21 -16.05
CA VAL A 191 7.50 -4.21 -15.20
C VAL A 191 8.02 -3.56 -13.92
N ILE A 192 8.63 -2.40 -14.09
CA ILE A 192 9.16 -1.64 -12.97
C ILE A 192 8.07 -1.29 -11.96
N LYS A 193 6.92 -0.86 -12.47
CA LYS A 193 5.78 -0.52 -11.63
C LYS A 193 5.23 -1.74 -10.88
N GLY A 194 5.23 -2.90 -11.54
CA GLY A 194 4.85 -4.12 -10.88
C GLY A 194 5.75 -4.44 -9.69
N GLN A 195 7.07 -4.41 -9.89
CA GLN A 195 7.99 -4.66 -8.79
C GLN A 195 7.85 -3.59 -7.70
N GLY A 196 7.47 -2.37 -8.10
CA GLY A 196 7.34 -1.27 -7.17
C GLY A 196 6.32 -1.48 -6.05
N THR A 197 5.33 -2.34 -6.31
CA THR A 197 4.32 -2.65 -5.31
C THR A 197 4.95 -3.22 -4.02
N ILE A 198 6.18 -3.71 -4.12
CA ILE A 198 6.91 -4.19 -2.95
C ILE A 198 7.28 -3.02 -2.05
N GLY A 199 7.55 -1.86 -2.64
CA GLY A 199 7.79 -0.66 -1.87
C GLY A 199 6.58 -0.28 -1.03
N THR A 200 5.39 -0.35 -1.63
CA THR A 200 4.16 -0.01 -0.94
C THR A 200 3.98 -0.88 0.29
N GLU A 201 4.20 -2.18 0.11
CA GLU A 201 4.02 -3.14 1.19
C GLU A 201 5.00 -2.90 2.33
N ILE A 202 6.30 -2.84 2.00
CA ILE A 202 7.32 -2.60 3.00
C ILE A 202 7.02 -1.36 3.84
N ASN A 203 6.69 -0.26 3.16
CA ASN A 203 6.38 0.98 3.84
C ASN A 203 5.16 0.87 4.75
N ARG A 204 4.16 0.13 4.29
CA ARG A 204 2.95 -0.11 5.04
C ARG A 204 3.29 -0.93 6.28
N GLN A 205 4.17 -1.90 6.10
CA GLN A 205 4.50 -2.84 7.16
C GLN A 205 5.47 -2.27 8.19
N LEU A 206 6.23 -1.25 7.81
CA LEU A 206 7.29 -0.75 8.69
C LEU A 206 7.73 0.68 8.37
N LYS A 207 7.69 1.53 9.38
CA LYS A 207 8.12 2.92 9.22
C LYS A 207 9.49 3.12 9.85
N ASP A 208 10.06 4.29 9.64
CA ASP A 208 11.35 4.64 10.22
C ASP A 208 12.46 3.64 9.84
N ILE A 209 12.56 3.35 8.55
CA ILE A 209 13.57 2.43 8.07
C ILE A 209 14.86 3.17 7.75
N HIS A 210 15.96 2.75 8.35
CA HIS A 210 17.26 3.37 8.03
C HIS A 210 17.67 3.06 6.59
N ALA A 211 17.57 1.80 6.18
CA ALA A 211 17.98 1.44 4.82
C ALA A 211 17.26 0.18 4.34
N VAL A 212 16.91 0.18 3.06
CA VAL A 212 16.40 -1.02 2.39
C VAL A 212 17.47 -1.50 1.41
N PHE A 213 17.87 -2.75 1.55
CA PHE A 213 18.87 -3.38 0.67
C PHE A 213 18.19 -4.27 -0.36
N ILE A 214 18.57 -4.10 -1.63
CA ILE A 214 17.86 -4.70 -2.75
C ILE A 214 18.84 -5.29 -3.77
N PRO A 215 18.63 -6.55 -4.17
CA PRO A 215 19.56 -7.13 -5.14
C PRO A 215 19.36 -6.49 -6.51
N VAL A 216 20.43 -6.30 -7.25
CA VAL A 216 20.34 -5.68 -8.57
C VAL A 216 20.90 -6.57 -9.68
N GLY A 217 20.00 -7.05 -10.53
CA GLY A 217 20.40 -7.69 -11.76
C GLY A 217 20.21 -6.69 -12.89
N GLY A 218 19.05 -6.71 -13.52
CA GLY A 218 18.71 -5.73 -14.54
C GLY A 218 18.32 -4.37 -13.96
N GLY A 219 17.82 -4.36 -12.73
CA GLY A 219 17.50 -3.12 -12.05
C GLY A 219 16.01 -2.80 -11.93
N GLY A 220 15.16 -3.73 -12.37
CA GLY A 220 13.73 -3.52 -12.28
C GLY A 220 13.24 -3.41 -10.84
N LEU A 221 13.67 -4.35 -10.01
CA LEU A 221 13.22 -4.39 -8.64
C LEU A 221 13.60 -3.11 -7.90
N ILE A 222 14.87 -2.73 -7.96
CA ILE A 222 15.32 -1.57 -7.24
C ILE A 222 14.71 -0.27 -7.80
N ALA A 223 14.58 -0.18 -9.11
CA ALA A 223 13.98 1.02 -9.71
C ALA A 223 12.56 1.20 -9.20
N GLY A 224 11.82 0.10 -9.14
CA GLY A 224 10.43 0.14 -8.72
C GLY A 224 10.31 0.52 -7.26
N VAL A 225 11.06 -0.17 -6.40
CA VAL A 225 11.01 0.12 -4.97
C VAL A 225 11.52 1.52 -4.63
N ALA A 226 12.62 1.93 -5.26
CA ALA A 226 13.18 3.27 -5.05
C ALA A 226 12.20 4.35 -5.47
N THR A 227 11.49 4.13 -6.56
CA THR A 227 10.54 5.12 -7.05
C THR A 227 9.46 5.41 -5.99
N PHE A 228 8.92 4.35 -5.39
CA PHE A 228 7.94 4.52 -4.33
C PHE A 228 8.57 5.15 -3.09
N PHE A 229 9.67 4.56 -2.63
CA PHE A 229 10.29 4.97 -1.36
C PHE A 229 10.84 6.40 -1.31
N LYS A 230 11.41 6.88 -2.42
CA LYS A 230 12.05 8.18 -2.38
C LYS A 230 11.03 9.32 -2.34
N GLN A 231 9.78 9.02 -2.68
CA GLN A 231 8.68 9.97 -2.57
C GLN A 231 7.99 9.87 -1.21
N ILE A 232 7.86 8.66 -0.68
CA ILE A 232 7.02 8.41 0.49
C ILE A 232 7.81 8.34 1.80
N ALA A 233 9.04 7.85 1.74
CA ALA A 233 9.93 7.82 2.90
C ALA A 233 11.34 8.24 2.48
N PRO A 234 11.51 9.52 2.14
CA PRO A 234 12.72 10.08 1.50
C PRO A 234 13.98 9.93 2.34
N ASN A 235 13.84 9.91 3.66
CA ASN A 235 15.01 9.78 4.53
C ASN A 235 15.57 8.36 4.60
N THR A 236 14.81 7.40 4.08
CA THR A 236 15.28 6.02 4.06
C THR A 236 16.25 5.83 2.90
N LYS A 237 17.39 5.23 3.19
CA LYS A 237 18.37 4.94 2.16
C LYS A 237 17.94 3.75 1.31
N ILE A 238 18.09 3.89 0.00
CA ILE A 238 17.85 2.77 -0.88
C ILE A 238 19.20 2.36 -1.44
N ILE A 239 19.59 1.12 -1.16
CA ILE A 239 20.92 0.65 -1.52
C ILE A 239 20.85 -0.65 -2.30
N GLY A 240 21.49 -0.68 -3.47
CA GLY A 240 21.51 -1.88 -4.29
C GLY A 240 22.69 -2.74 -3.89
N VAL A 241 22.55 -4.05 -4.10
CA VAL A 241 23.60 -5.00 -3.75
C VAL A 241 23.92 -5.89 -4.94
N GLU A 242 25.21 -6.11 -5.19
CA GLU A 242 25.68 -6.92 -6.33
C GLU A 242 26.88 -7.72 -5.92
N PRO A 243 27.12 -8.85 -6.58
CA PRO A 243 28.37 -9.61 -6.40
C PRO A 243 29.54 -8.86 -7.04
N TYR A 244 30.72 -8.92 -6.40
CA TYR A 244 31.93 -8.35 -6.98
C TYR A 244 32.11 -8.76 -8.44
N GLY A 245 31.81 -10.02 -8.74
CA GLY A 245 32.06 -10.57 -10.06
C GLY A 245 30.95 -10.31 -11.09
N ALA A 246 29.94 -9.55 -10.68
CA ALA A 246 28.87 -9.17 -11.60
C ALA A 246 28.39 -7.74 -11.31
N ALA A 247 29.34 -6.81 -11.17
CA ALA A 247 29.01 -5.47 -10.69
C ALA A 247 28.61 -4.49 -11.79
N SER A 248 27.69 -4.91 -12.65
CA SER A 248 27.33 -4.08 -13.81
C SER A 248 26.62 -2.76 -13.46
N MET A 249 25.74 -2.78 -12.46
CA MET A 249 25.07 -1.54 -12.09
C MET A 249 26.06 -0.59 -11.42
N THR A 250 26.89 -1.14 -10.55
CA THR A 250 27.89 -0.37 -9.83
C THR A 250 28.87 0.30 -10.80
N LEU A 251 29.35 -0.46 -11.76
CA LEU A 251 30.29 0.04 -12.77
C LEU A 251 29.65 1.09 -13.66
N SER A 252 28.41 0.83 -14.07
CA SER A 252 27.65 1.79 -14.87
C SER A 252 27.48 3.12 -14.13
N LEU A 253 27.04 3.06 -12.87
CA LEU A 253 26.87 4.28 -12.08
C LEU A 253 28.20 5.00 -11.90
N HIS A 254 29.27 4.24 -11.74
CA HIS A 254 30.57 4.85 -11.54
C HIS A 254 31.06 5.56 -12.80
N GLU A 255 30.77 4.97 -13.97
CA GLU A 255 31.21 5.55 -15.23
C GLU A 255 30.29 6.68 -15.69
N GLY A 256 29.06 6.69 -15.20
CA GLY A 256 28.10 7.72 -15.60
C GLY A 256 27.30 7.33 -16.83
N HIS A 257 27.44 6.07 -17.25
CA HIS A 257 26.69 5.55 -18.39
C HIS A 257 26.71 4.03 -18.34
N ARG A 258 25.76 3.40 -19.02
CA ARG A 258 25.70 1.95 -19.01
C ARG A 258 26.98 1.36 -19.58
N VAL A 259 27.33 0.21 -19.03
CA VAL A 259 28.58 -0.45 -19.35
C VAL A 259 28.28 -1.93 -19.53
N LYS A 260 28.87 -2.56 -20.53
CA LYS A 260 28.62 -3.97 -20.78
C LYS A 260 29.81 -4.82 -20.34
N LEU A 261 29.61 -5.66 -19.33
CA LEU A 261 30.67 -6.50 -18.80
C LEU A 261 30.99 -7.67 -19.72
N SER A 262 32.28 -7.90 -19.97
CA SER A 262 32.71 -8.93 -20.92
C SER A 262 32.29 -10.32 -20.47
N ASN A 263 32.31 -10.54 -19.16
CA ASN A 263 31.78 -11.77 -18.59
C ASN A 263 31.38 -11.53 -17.15
N VAL A 264 30.54 -12.43 -16.63
N VAL A 264 30.51 -12.39 -16.63
CA VAL A 264 29.96 -12.25 -15.32
CA VAL A 264 30.01 -12.23 -15.28
C VAL A 264 30.01 -13.56 -14.54
C VAL A 264 30.06 -13.55 -14.54
N ASP A 265 30.36 -13.48 -13.26
CA ASP A 265 30.32 -14.65 -12.41
C ASP A 265 28.86 -15.07 -12.31
N THR A 266 28.58 -16.36 -12.43
CA THR A 266 27.20 -16.84 -12.47
C THR A 266 26.72 -17.51 -11.17
N PHE A 267 27.53 -17.48 -10.11
CA PHE A 267 27.15 -18.09 -8.84
C PHE A 267 25.76 -17.64 -8.40
N ALA A 268 25.50 -16.34 -8.50
CA ALA A 268 24.19 -15.78 -8.23
C ALA A 268 23.52 -15.54 -9.57
N ASP A 269 22.95 -16.59 -10.13
CA ASP A 269 22.50 -16.57 -11.52
C ASP A 269 21.51 -15.46 -11.84
N GLY A 270 20.57 -15.22 -10.94
CA GLY A 270 19.54 -14.20 -11.16
C GLY A 270 20.09 -12.80 -11.34
N VAL A 271 21.19 -12.48 -10.67
CA VAL A 271 21.76 -11.15 -10.80
C VAL A 271 23.03 -11.14 -11.68
N ALA A 272 23.24 -12.23 -12.42
CA ALA A 272 24.39 -12.32 -13.33
C ALA A 272 24.06 -11.63 -14.64
N VAL A 273 24.03 -10.30 -14.62
CA VAL A 273 23.56 -9.53 -15.76
C VAL A 273 24.70 -8.66 -16.26
N ALA A 274 25.02 -8.80 -17.54
CA ALA A 274 26.15 -8.10 -18.13
C ALA A 274 25.82 -6.65 -18.47
N LEU A 275 24.53 -6.41 -18.72
CA LEU A 275 24.07 -5.09 -19.18
C LEU A 275 22.78 -4.73 -18.44
N VAL A 276 22.81 -3.66 -17.65
CA VAL A 276 21.60 -3.24 -16.95
C VAL A 276 20.62 -2.57 -17.91
N GLY A 277 19.39 -2.38 -17.45
CA GLY A 277 18.36 -1.77 -18.27
C GLY A 277 18.55 -0.28 -18.52
N GLU A 278 17.98 0.19 -19.62
CA GLU A 278 17.99 1.61 -19.97
C GLU A 278 17.11 2.42 -19.00
N TYR A 279 15.87 1.99 -18.79
CA TYR A 279 14.98 2.67 -17.83
C TYR A 279 15.49 2.57 -16.40
N THR A 280 16.03 1.40 -16.05
CA THR A 280 16.42 1.13 -14.66
C THR A 280 17.72 1.82 -14.26
N PHE A 281 18.67 1.91 -15.17
CA PHE A 281 19.89 2.66 -14.90
C PHE A 281 19.58 4.14 -14.63
N ALA A 282 18.68 4.71 -15.44
CA ALA A 282 18.28 6.10 -15.26
C ALA A 282 17.62 6.32 -13.90
N LYS A 283 16.75 5.40 -13.50
CA LYS A 283 16.10 5.50 -12.20
C LYS A 283 17.09 5.39 -11.05
N CYS A 284 18.11 4.54 -11.21
CA CYS A 284 19.14 4.43 -10.19
C CYS A 284 19.98 5.71 -10.06
N GLN A 285 20.41 6.27 -11.19
CA GLN A 285 21.09 7.57 -11.20
C GLN A 285 20.27 8.62 -10.46
N GLU A 286 18.97 8.63 -10.74
CA GLU A 286 18.07 9.62 -10.17
C GLU A 286 17.82 9.45 -8.67
N LEU A 287 17.79 8.22 -8.18
CA LEU A 287 17.12 7.96 -6.89
C LEU A 287 17.95 7.30 -5.77
N ILE A 288 18.82 6.36 -6.11
CA ILE A 288 19.38 5.52 -5.05
C ILE A 288 20.57 6.14 -4.33
N ASP A 289 20.84 5.65 -3.12
CA ASP A 289 21.89 6.21 -2.28
C ASP A 289 23.27 5.65 -2.62
N GLY A 290 23.29 4.48 -3.25
CA GLY A 290 24.55 3.87 -3.60
C GLY A 290 24.46 2.36 -3.72
N MET A 291 25.62 1.74 -3.83
CA MET A 291 25.72 0.31 -4.05
C MET A 291 26.66 -0.32 -3.03
N VAL A 292 26.44 -1.61 -2.80
CA VAL A 292 27.25 -2.40 -1.89
C VAL A 292 27.59 -3.72 -2.60
N LEU A 293 28.81 -4.19 -2.43
CA LEU A 293 29.27 -5.40 -3.12
C LEU A 293 29.47 -6.53 -2.11
N VAL A 294 29.17 -7.75 -2.54
CA VAL A 294 29.36 -8.92 -1.70
C VAL A 294 30.06 -10.01 -2.51
N ALA A 295 30.75 -10.91 -1.81
CA ALA A 295 31.42 -12.03 -2.45
C ALA A 295 30.60 -13.30 -2.27
N ASN A 296 30.93 -14.34 -3.02
CA ASN A 296 30.18 -15.59 -2.96
C ASN A 296 30.16 -16.25 -1.57
N ASP A 297 31.24 -16.09 -0.79
CA ASP A 297 31.22 -16.60 0.57
C ASP A 297 30.23 -15.83 1.47
N GLY A 298 30.09 -14.53 1.24
CA GLY A 298 29.15 -13.73 1.99
C GLY A 298 27.72 -14.07 1.62
N ILE A 299 27.50 -14.28 0.33
CA ILE A 299 26.19 -14.71 -0.16
C ILE A 299 25.82 -16.05 0.48
N SER A 300 26.77 -17.00 0.45
CA SER A 300 26.53 -18.33 1.02
C SER A 300 26.28 -18.27 2.53
N ALA A 301 26.99 -17.40 3.23
CA ALA A 301 26.80 -17.26 4.67
C ALA A 301 25.42 -16.68 4.99
N ALA A 302 24.90 -15.86 4.08
CA ALA A 302 23.56 -15.30 4.26
C ALA A 302 22.48 -16.38 4.06
N ILE A 303 22.71 -17.30 3.14
CA ILE A 303 21.81 -18.44 2.98
C ILE A 303 21.78 -19.28 4.28
N LYS A 304 22.96 -19.49 4.87
CA LYS A 304 23.04 -20.18 6.16
C LYS A 304 22.34 -19.40 7.27
N ASP A 305 22.51 -18.09 7.29
CA ASP A 305 21.86 -17.24 8.30
C ASP A 305 20.35 -17.46 8.31
N VAL A 306 19.76 -17.43 7.11
CA VAL A 306 18.31 -17.56 7.01
C VAL A 306 17.86 -18.98 7.33
N TYR A 307 18.67 -19.97 6.94
CA TYR A 307 18.42 -21.34 7.34
C TYR A 307 18.40 -21.44 8.86
N ASP A 308 19.35 -20.76 9.50
CA ASP A 308 19.49 -20.85 10.95
C ASP A 308 18.30 -20.21 11.67
N GLU A 309 17.56 -19.34 10.98
CA GLU A 309 16.37 -18.74 11.57
C GLU A 309 15.18 -19.69 11.55
N GLY A 310 14.91 -20.32 10.39
CA GLY A 310 13.72 -21.13 10.23
C GLY A 310 13.79 -22.31 9.27
N ARG A 311 15.00 -22.68 8.86
CA ARG A 311 15.24 -23.83 8.00
C ARG A 311 14.71 -23.68 6.57
N ASN A 312 14.42 -22.44 6.18
CA ASN A 312 14.11 -22.09 4.80
C ASN A 312 15.39 -21.86 4.00
N ILE A 313 15.43 -22.33 2.76
CA ILE A 313 16.56 -22.07 1.88
C ILE A 313 16.24 -21.00 0.84
N LEU A 314 17.05 -19.95 0.81
CA LEU A 314 16.98 -18.96 -0.27
C LEU A 314 17.92 -19.35 -1.41
N GLU A 315 17.61 -18.92 -2.63
CA GLU A 315 18.59 -19.09 -3.70
C GLU A 315 19.68 -18.02 -3.55
N THR A 316 20.82 -18.23 -4.19
CA THR A 316 21.95 -17.30 -4.07
C THR A 316 21.57 -15.83 -4.35
N SER A 317 20.86 -15.58 -5.45
CA SER A 317 20.39 -14.23 -5.76
C SER A 317 19.44 -13.70 -4.69
N GLY A 318 18.66 -14.61 -4.09
CA GLY A 318 17.71 -14.23 -3.06
C GLY A 318 18.36 -13.83 -1.76
N ALA A 319 19.59 -14.32 -1.52
CA ALA A 319 20.33 -14.02 -0.29
C ALA A 319 21.30 -12.83 -0.44
N VAL A 320 21.51 -12.38 -1.68
CA VAL A 320 22.44 -11.28 -1.94
C VAL A 320 22.20 -10.03 -1.09
N ALA A 321 20.96 -9.58 -1.00
CA ALA A 321 20.68 -8.34 -0.26
C ALA A 321 20.85 -8.52 1.23
N ILE A 322 20.59 -9.74 1.73
N ILE A 322 20.61 -9.74 1.72
CA ILE A 322 20.80 -10.06 3.13
CA ILE A 322 20.81 -10.04 3.14
C ILE A 322 22.29 -9.96 3.47
C ILE A 322 22.30 -9.98 3.49
N ALA A 323 23.13 -10.52 2.60
CA ALA A 323 24.59 -10.43 2.76
C ALA A 323 25.03 -8.96 2.76
N GLY A 324 24.50 -8.18 1.82
CA GLY A 324 24.83 -6.77 1.73
C GLY A 324 24.42 -5.98 2.97
N ALA A 325 23.18 -6.17 3.40
CA ALA A 325 22.64 -5.50 4.59
C ALA A 325 23.46 -5.84 5.84
N ALA A 326 23.75 -7.12 6.04
CA ALA A 326 24.51 -7.56 7.21
C ALA A 326 25.91 -6.93 7.23
N ALA A 327 26.59 -6.97 6.08
CA ALA A 327 27.95 -6.45 5.97
C ALA A 327 27.97 -4.94 6.22
N TYR A 328 26.98 -4.25 5.67
CA TYR A 328 26.85 -2.81 5.87
C TYR A 328 26.69 -2.48 7.35
N CYS A 329 25.84 -3.23 8.04
CA CYS A 329 25.61 -3.02 9.48
C CYS A 329 26.89 -3.18 10.29
N GLU A 330 27.68 -4.20 9.96
CA GLU A 330 28.93 -4.43 10.67
C GLU A 330 30.00 -3.39 10.31
N PHE A 331 30.06 -3.00 9.03
CA PHE A 331 31.06 -2.03 8.60
C PHE A 331 30.84 -0.67 9.24
N TYR A 332 29.59 -0.24 9.33
CA TYR A 332 29.26 1.08 9.87
C TYR A 332 28.83 1.06 11.34
N LYS A 333 28.95 -0.10 11.97
CA LYS A 333 28.54 -0.25 13.37
C LYS A 333 27.15 0.32 13.63
N ILE A 334 26.22 0.04 12.73
CA ILE A 334 24.84 0.44 12.91
C ILE A 334 24.27 -0.24 14.15
N LYS A 335 23.59 0.52 14.99
CA LYS A 335 22.96 -0.01 16.19
C LYS A 335 21.54 0.53 16.36
N ASN A 336 20.63 -0.36 16.75
CA ASN A 336 19.27 0.03 17.08
C ASN A 336 18.55 0.81 15.98
N GLU A 337 18.75 0.38 14.73
CA GLU A 337 18.04 0.96 13.60
C GLU A 337 17.24 -0.14 12.91
N ASN A 338 16.21 0.26 12.17
CA ASN A 338 15.47 -0.67 11.34
C ASN A 338 16.17 -0.87 10.00
N ILE A 339 16.43 -2.12 9.65
CA ILE A 339 17.11 -2.49 8.42
C ILE A 339 16.26 -3.50 7.68
N VAL A 340 16.05 -3.29 6.38
CA VAL A 340 15.29 -4.23 5.58
C VAL A 340 16.14 -4.79 4.45
N ALA A 341 16.08 -6.09 4.25
CA ALA A 341 16.71 -6.74 3.11
C ALA A 341 15.66 -7.54 2.37
N ILE A 342 15.71 -7.52 1.05
CA ILE A 342 14.73 -8.27 0.28
C ILE A 342 15.21 -9.66 -0.10
N ALA A 343 14.52 -10.68 0.40
CA ALA A 343 14.74 -12.08 -0.02
C ALA A 343 13.95 -12.30 -1.30
N SER A 344 14.65 -12.23 -2.43
CA SER A 344 13.99 -12.05 -3.71
C SER A 344 13.51 -13.33 -4.38
N GLY A 345 14.09 -14.47 -4.02
CA GLY A 345 13.68 -15.72 -4.63
C GLY A 345 14.26 -16.94 -3.95
N ALA A 346 13.68 -18.10 -4.26
CA ALA A 346 14.12 -19.36 -3.70
C ALA A 346 13.93 -20.51 -4.69
N ASN A 347 14.38 -20.30 -5.93
CA ASN A 347 14.39 -21.37 -6.92
C ASN A 347 15.82 -21.80 -7.24
N MET A 348 16.34 -22.70 -6.43
CA MET A 348 17.71 -23.16 -6.57
C MET A 348 17.69 -24.67 -6.58
N ASP A 349 18.48 -25.27 -7.46
CA ASP A 349 18.63 -26.71 -7.47
CA ASP A 349 18.63 -26.71 -7.48
C ASP A 349 19.19 -27.15 -6.14
N PHE A 350 18.59 -28.19 -5.56
CA PHE A 350 19.04 -28.73 -4.28
C PHE A 350 20.56 -28.95 -4.25
N SER A 351 21.10 -29.50 -5.34
CA SER A 351 22.51 -29.89 -5.40
C SER A 351 23.49 -28.71 -5.26
N LYS A 352 23.03 -27.50 -5.57
CA LYS A 352 23.87 -26.31 -5.41
C LYS A 352 24.26 -26.05 -3.95
N LEU A 353 23.52 -26.63 -3.00
CA LEU A 353 23.86 -26.49 -1.59
C LEU A 353 25.22 -27.14 -1.26
N HIS A 354 25.66 -28.04 -2.13
CA HIS A 354 27.02 -28.61 -2.02
C HIS A 354 28.07 -27.50 -2.04
N LYS A 355 28.01 -26.62 -3.03
CA LYS A 355 28.92 -25.48 -3.10
C LYS A 355 28.63 -24.44 -2.00
N VAL A 356 27.35 -24.17 -1.75
CA VAL A 356 26.98 -23.18 -0.74
C VAL A 356 27.48 -23.53 0.66
N THR A 357 27.36 -24.79 1.07
CA THR A 357 27.87 -25.20 2.37
C THR A 357 29.39 -25.00 2.45
N GLU A 358 30.10 -25.35 1.37
CA GLU A 358 31.54 -25.16 1.30
C GLU A 358 31.95 -23.70 1.51
N LEU A 359 31.26 -22.78 0.84
CA LEU A 359 31.55 -21.35 0.99
C LEU A 359 31.08 -20.79 2.34
N ALA A 360 29.94 -21.27 2.84
CA ALA A 360 29.40 -20.76 4.10
C ALA A 360 30.29 -21.16 5.26
N GLY A 361 30.94 -22.32 5.14
CA GLY A 361 31.80 -22.84 6.18
C GLY A 361 33.08 -22.03 6.39
N LEU A 362 33.43 -21.20 5.42
CA LEU A 362 34.64 -20.38 5.50
C LEU A 362 34.53 -19.34 6.61
N GLY A 363 33.30 -19.07 7.05
CA GLY A 363 33.07 -18.12 8.12
C GLY A 363 33.48 -16.72 7.74
N ILE B 20 -35.12 24.98 0.75
CA ILE B 20 -33.70 25.30 0.68
C ILE B 20 -32.88 24.05 0.37
N LEU B 21 -33.32 22.91 0.90
CA LEU B 21 -32.71 21.62 0.60
C LEU B 21 -33.40 21.03 -0.63
N PRO B 22 -32.61 20.52 -1.58
CA PRO B 22 -33.15 19.92 -2.81
C PRO B 22 -34.07 18.73 -2.52
N LYS B 23 -35.14 18.58 -3.29
CA LYS B 23 -36.12 17.52 -3.07
C LYS B 23 -35.76 16.23 -3.80
N VAL B 24 -35.02 15.35 -3.13
CA VAL B 24 -34.62 14.08 -3.74
C VAL B 24 -35.18 12.90 -2.95
N VAL B 25 -35.42 11.80 -3.65
CA VAL B 25 -35.72 10.54 -2.99
C VAL B 25 -34.39 9.92 -2.53
N PRO B 26 -34.45 8.95 -1.61
CA PRO B 26 -33.18 8.36 -1.13
C PRO B 26 -32.40 7.70 -2.27
N GLY B 27 -31.11 8.00 -2.35
CA GLY B 27 -30.27 7.39 -3.35
C GLY B 27 -30.05 8.25 -4.58
N GLU B 28 -30.99 9.17 -4.83
CA GLU B 28 -30.87 10.10 -5.95
C GLU B 28 -29.72 11.07 -5.67
N LEU B 29 -28.86 11.24 -6.66
CA LEU B 29 -27.64 12.02 -6.47
C LEU B 29 -27.87 13.53 -6.52
N ILE B 30 -27.34 14.23 -5.54
CA ILE B 30 -27.27 15.68 -5.56
C ILE B 30 -25.86 16.06 -6.02
N VAL B 31 -25.73 16.38 -7.31
CA VAL B 31 -24.42 16.54 -7.95
C VAL B 31 -23.57 17.67 -7.37
N ASN B 32 -22.31 17.38 -7.11
CA ASN B 32 -21.35 18.42 -6.80
C ASN B 32 -20.50 18.61 -8.05
N LYS B 33 -20.10 19.84 -8.33
CA LYS B 33 -19.18 20.08 -9.43
C LYS B 33 -17.82 20.41 -8.84
N PRO B 34 -16.93 19.39 -8.79
CA PRO B 34 -15.64 19.52 -8.10
C PRO B 34 -14.81 20.63 -8.72
N THR B 35 -14.21 21.48 -7.89
CA THR B 35 -13.42 22.60 -8.39
C THR B 35 -12.00 22.17 -8.74
N GLY B 36 -11.57 21.01 -8.24
CA GLY B 36 -10.29 20.45 -8.63
C GLY B 36 -9.21 20.49 -7.58
N GLY B 37 -9.15 21.58 -6.82
CA GLY B 37 -8.12 21.73 -5.80
C GLY B 37 -6.71 21.96 -6.33
N ASP B 38 -5.81 22.34 -5.43
CA ASP B 38 -4.42 22.59 -5.78
C ASP B 38 -3.63 21.28 -5.92
N SER B 39 -3.04 21.06 -7.10
CA SER B 39 -2.32 19.83 -7.39
C SER B 39 -1.20 19.49 -6.41
N ASP B 40 -0.37 20.48 -6.09
CA ASP B 40 0.74 20.28 -5.14
C ASP B 40 0.28 20.00 -3.72
N GLU B 41 -0.79 20.67 -3.30
CA GLU B 41 -1.33 20.44 -1.96
C GLU B 41 -1.86 19.02 -1.87
N LEU B 42 -2.62 18.61 -2.89
CA LEU B 42 -3.18 17.27 -2.94
C LEU B 42 -2.09 16.20 -2.92
N PHE B 43 -1.04 16.41 -3.70
CA PHE B 43 0.05 15.44 -3.74
C PHE B 43 0.72 15.28 -2.38
N GLN B 44 0.92 16.40 -1.69
CA GLN B 44 1.51 16.35 -0.35
C GLN B 44 0.60 15.57 0.62
N TYR B 45 -0.71 15.74 0.47
CA TYR B 45 -1.67 14.96 1.25
C TYR B 45 -1.48 13.48 1.00
N LEU B 46 -1.41 13.11 -0.27
CA LEU B 46 -1.19 11.73 -0.70
C LEU B 46 0.04 11.13 -0.03
N VAL B 47 1.15 11.88 -0.08
CA VAL B 47 2.39 11.43 0.52
C VAL B 47 2.23 11.22 2.03
N ASP B 48 1.54 12.13 2.70
CA ASP B 48 1.36 12.06 4.15
C ASP B 48 0.44 10.90 4.51
N ILE B 49 -0.62 10.70 3.73
CA ILE B 49 -1.49 9.56 3.91
C ILE B 49 -0.72 8.25 3.81
N LEU B 50 0.16 8.13 2.83
CA LEU B 50 0.91 6.89 2.64
C LEU B 50 1.98 6.70 3.73
N ALA B 51 2.43 7.79 4.33
CA ALA B 51 3.44 7.75 5.37
C ALA B 51 2.85 7.64 6.79
N SER B 52 1.53 7.70 6.89
CA SER B 52 0.82 7.69 8.17
C SER B 52 1.04 6.39 8.94
N PRO B 53 1.44 6.50 10.22
CA PRO B 53 1.72 5.32 11.05
C PRO B 53 0.47 4.75 11.74
N VAL B 54 -0.70 4.83 11.13
CA VAL B 54 -1.92 4.36 11.78
C VAL B 54 -1.85 2.88 12.19
N TYR B 55 -0.98 2.09 11.55
CA TYR B 55 -0.94 0.66 11.84
C TYR B 55 -0.30 0.34 13.19
N ASP B 56 0.19 1.37 13.88
CA ASP B 56 0.57 1.23 15.27
C ASP B 56 -0.65 0.87 16.12
N VAL B 57 -1.84 1.32 15.70
CA VAL B 57 -3.07 1.06 16.46
C VAL B 57 -4.19 0.41 15.64
N ALA B 58 -4.18 0.63 14.34
CA ALA B 58 -5.23 0.15 13.45
C ALA B 58 -4.81 -1.08 12.66
N ILE B 59 -5.79 -1.86 12.22
CA ILE B 59 -5.54 -2.95 11.29
C ILE B 59 -6.08 -2.56 9.94
N GLU B 60 -5.60 -3.20 8.90
CA GLU B 60 -6.27 -3.09 7.62
C GLU B 60 -7.56 -3.89 7.75
N SER B 61 -8.68 -3.19 7.76
CA SER B 61 -9.97 -3.82 8.04
C SER B 61 -10.52 -4.56 6.83
N PRO B 62 -11.34 -5.60 7.08
CA PRO B 62 -11.95 -6.39 6.00
C PRO B 62 -12.74 -5.53 5.01
N LEU B 63 -12.63 -5.87 3.74
CA LEU B 63 -13.55 -5.38 2.73
C LEU B 63 -14.37 -6.58 2.31
N GLU B 64 -15.60 -6.66 2.80
CA GLU B 64 -16.39 -7.87 2.64
C GLU B 64 -17.46 -7.77 1.58
N LEU B 65 -17.51 -8.76 0.71
CA LEU B 65 -18.59 -8.88 -0.25
C LEU B 65 -19.84 -9.28 0.53
N ALA B 66 -20.87 -8.44 0.50
CA ALA B 66 -22.13 -8.75 1.17
C ALA B 66 -23.03 -9.52 0.21
N GLU B 67 -23.12 -10.83 0.41
CA GLU B 67 -23.75 -11.70 -0.57
C GLU B 67 -25.25 -11.51 -0.78
N LYS B 68 -26.02 -11.44 0.31
CA LYS B 68 -27.46 -11.26 0.18
C LYS B 68 -27.75 -9.94 -0.53
N LEU B 69 -27.07 -8.89 -0.10
CA LEU B 69 -27.27 -7.55 -0.65
C LEU B 69 -26.81 -7.51 -2.12
N SER B 70 -25.71 -8.19 -2.42
CA SER B 70 -25.22 -8.30 -3.80
C SER B 70 -26.23 -8.99 -4.71
N ASP B 71 -26.84 -10.07 -4.22
CA ASP B 71 -27.86 -10.81 -4.96
C ASP B 71 -29.14 -9.99 -5.18
N ARG B 72 -29.54 -9.25 -4.16
CA ARG B 72 -30.75 -8.44 -4.23
C ARG B 72 -30.60 -7.29 -5.22
N LEU B 73 -29.43 -6.66 -5.22
CA LEU B 73 -29.19 -5.46 -6.02
C LEU B 73 -28.64 -5.78 -7.41
N GLY B 74 -28.09 -6.96 -7.59
CA GLY B 74 -27.46 -7.32 -8.84
C GLY B 74 -26.15 -6.59 -9.08
N VAL B 75 -25.46 -6.21 -8.01
CA VAL B 75 -24.14 -5.62 -8.11
C VAL B 75 -23.17 -6.37 -7.20
N ASN B 76 -21.89 -6.02 -7.25
CA ASN B 76 -20.94 -6.51 -6.26
C ASN B 76 -20.83 -5.49 -5.14
N PHE B 77 -21.54 -5.77 -4.04
CA PHE B 77 -21.70 -4.81 -2.96
C PHE B 77 -20.71 -5.14 -1.84
N TYR B 78 -19.72 -4.27 -1.66
CA TYR B 78 -18.67 -4.50 -0.68
C TYR B 78 -18.82 -3.54 0.48
N ILE B 79 -18.52 -4.03 1.67
CA ILE B 79 -18.60 -3.20 2.86
C ILE B 79 -17.24 -3.14 3.54
N LYS B 80 -16.75 -1.92 3.74
CA LYS B 80 -15.48 -1.73 4.41
C LYS B 80 -15.71 -1.66 5.92
N ARG B 81 -15.22 -2.66 6.64
CA ARG B 81 -15.58 -2.87 8.04
C ARG B 81 -14.69 -2.17 9.06
N GLU B 82 -14.79 -0.85 9.14
CA GLU B 82 -14.07 -0.08 10.15
C GLU B 82 -14.62 -0.29 11.57
N ASP B 83 -15.80 -0.90 11.68
CA ASP B 83 -16.33 -1.26 12.99
C ASP B 83 -15.53 -2.39 13.63
N LYS B 84 -14.61 -2.98 12.86
CA LYS B 84 -13.76 -4.07 13.36
C LYS B 84 -12.42 -3.58 13.93
N GLN B 85 -12.21 -2.27 13.95
CA GLN B 85 -11.05 -1.72 14.66
C GLN B 85 -11.21 -1.96 16.17
N ARG B 86 -10.13 -1.83 16.91
CA ARG B 86 -10.15 -2.10 18.35
C ARG B 86 -11.20 -1.25 19.09
N VAL B 87 -11.41 -0.04 18.62
CA VAL B 87 -12.37 0.84 19.28
C VAL B 87 -13.72 0.89 18.56
N PHE B 88 -13.96 -0.08 17.68
CA PHE B 88 -15.26 -0.20 17.02
C PHE B 88 -15.65 0.97 16.12
N SER B 89 -14.65 1.76 15.70
CA SER B 89 -14.85 2.74 14.65
C SER B 89 -13.52 3.11 13.99
N PHE B 90 -13.59 3.90 12.93
CA PHE B 90 -12.40 4.36 12.22
C PHE B 90 -11.64 5.45 12.96
N LEU B 92 -9.88 5.92 15.49
CA LEU B 92 -8.54 5.77 16.04
C LEU B 92 -7.46 6.25 15.03
N ARG B 93 -7.81 6.27 13.74
CA ARG B 93 -6.83 6.62 12.70
C ARG B 93 -6.42 8.09 12.72
N GLY B 94 -7.39 8.99 12.51
CA GLY B 94 -7.10 10.41 12.52
C GLY B 94 -6.47 10.89 13.81
N ALA B 95 -7.04 10.48 14.94
CA ALA B 95 -6.53 10.87 16.25
C ALA B 95 -5.07 10.46 16.42
N TYR B 96 -4.74 9.25 16.00
CA TYR B 96 -3.37 8.75 16.17
C TYR B 96 -2.42 9.45 15.21
N ASN B 97 -2.85 9.65 13.97
CA ASN B 97 -2.02 10.35 13.01
C ASN B 97 -1.71 11.78 13.48
N MET B 98 -2.77 12.49 13.88
CA MET B 98 -2.62 13.87 14.33
C MET B 98 -1.70 13.93 15.55
N MET B 99 -1.94 13.05 16.51
CA MET B 99 -1.18 13.09 17.76
C MET B 99 0.27 12.64 17.63
N SER B 100 0.54 11.70 16.73
CA SER B 100 1.91 11.21 16.54
C SER B 100 2.78 12.26 15.85
N ASN B 101 2.15 13.29 15.29
CA ASN B 101 2.84 14.43 14.71
C ASN B 101 3.03 15.58 15.69
N LEU B 102 2.75 15.33 16.95
CA LEU B 102 2.98 16.34 17.97
C LEU B 102 4.40 16.18 18.50
N SER B 103 4.98 17.29 18.94
CA SER B 103 6.32 17.25 19.52
C SER B 103 6.28 16.44 20.82
N ARG B 104 7.43 15.90 21.21
CA ARG B 104 7.49 15.12 22.43
C ARG B 104 7.17 15.99 23.64
N GLU B 105 7.44 17.28 23.51
CA GLU B 105 7.11 18.24 24.56
C GLU B 105 5.60 18.38 24.68
N GLU B 106 4.93 18.56 23.54
CA GLU B 106 3.48 18.68 23.51
C GLU B 106 2.79 17.42 24.04
N LEU B 107 3.38 16.27 23.74
CA LEU B 107 2.82 14.99 24.20
C LEU B 107 3.00 14.84 25.70
N ASP B 108 4.11 15.38 26.22
CA ASP B 108 4.41 15.30 27.64
C ASP B 108 3.54 16.23 28.47
N LYS B 109 3.14 17.35 27.89
CA LYS B 109 2.16 18.23 28.53
C LYS B 109 0.79 17.56 28.61
N GLY B 110 0.51 16.69 27.66
CA GLY B 110 -0.78 16.04 27.57
C GLY B 110 -1.68 16.71 26.57
N VAL B 111 -2.64 15.97 26.03
CA VAL B 111 -3.57 16.50 25.05
C VAL B 111 -4.99 16.50 25.62
N ILE B 112 -5.93 17.10 24.90
CA ILE B 112 -7.29 17.19 25.40
C ILE B 112 -8.31 17.23 24.28
N THR B 113 -9.48 16.64 24.54
CA THR B 113 -10.62 16.76 23.64
C THR B 113 -11.90 16.60 24.46
N ALA B 114 -13.04 16.91 23.84
CA ALA B 114 -14.33 16.67 24.46
C ALA B 114 -15.13 15.66 23.64
N SER B 115 -15.58 14.59 24.30
CA SER B 115 -16.30 13.53 23.63
C SER B 115 -16.70 12.45 24.63
N ALA B 116 -17.87 11.86 24.42
CA ALA B 116 -18.29 10.72 25.23
C ALA B 116 -18.25 9.44 24.40
N GLY B 117 -18.05 9.59 23.09
CA GLY B 117 -18.18 8.47 22.17
C GLY B 117 -16.94 8.01 21.42
N ASN B 118 -17.07 7.91 20.11
CA ASN B 118 -16.07 7.28 19.26
C ASN B 118 -14.75 8.04 19.18
N HIS B 119 -14.83 9.36 19.05
CA HIS B 119 -13.65 10.20 19.05
C HIS B 119 -12.87 10.05 20.36
N ALA B 120 -13.60 10.04 21.47
CA ALA B 120 -13.01 9.86 22.79
C ALA B 120 -12.15 8.60 22.86
N GLN B 121 -12.69 7.48 22.38
CA GLN B 121 -11.98 6.21 22.43
C GLN B 121 -10.73 6.22 21.54
N GLY B 122 -10.83 6.84 20.37
CA GLY B 122 -9.70 6.96 19.48
C GLY B 122 -8.56 7.76 20.09
N VAL B 123 -8.90 8.93 20.63
CA VAL B 123 -7.94 9.80 21.29
C VAL B 123 -7.26 9.11 22.48
N ALA B 124 -8.06 8.45 23.31
CA ALA B 124 -7.55 7.75 24.48
C ALA B 124 -6.62 6.60 24.08
N LEU B 125 -7.03 5.82 23.10
CA LEU B 125 -6.19 4.74 22.59
C LEU B 125 -4.88 5.29 22.04
N ALA B 126 -4.95 6.40 21.31
CA ALA B 126 -3.76 7.05 20.77
C ALA B 126 -2.84 7.50 21.91
N GLY B 127 -3.42 8.17 22.89
CA GLY B 127 -2.67 8.61 24.05
C GLY B 127 -1.94 7.47 24.73
N GLN B 128 -2.64 6.35 24.88
CA GLN B 128 -2.03 5.17 25.49
C GLN B 128 -0.85 4.65 24.69
N ARG B 129 -0.99 4.61 23.37
CA ARG B 129 0.07 4.08 22.51
C ARG B 129 1.27 5.03 22.46
N LEU B 130 1.00 6.33 22.53
CA LEU B 130 2.04 7.33 22.46
C LEU B 130 2.59 7.67 23.84
N ASN B 131 2.18 6.90 24.85
CA ASN B 131 2.62 7.14 26.23
C ASN B 131 2.37 8.59 26.63
N CYS B 132 1.19 9.09 26.29
CA CYS B 132 0.82 10.48 26.51
C CYS B 132 -0.51 10.51 27.24
N VAL B 133 -0.62 11.37 28.25
CA VAL B 133 -1.86 11.48 29.01
C VAL B 133 -2.90 12.25 28.21
N ALA B 134 -4.03 11.60 27.95
CA ALA B 134 -5.10 12.22 27.17
C ALA B 134 -6.27 12.56 28.08
N LYS B 135 -6.62 13.83 28.11
CA LYS B 135 -7.70 14.31 28.96
C LYS B 135 -8.99 14.36 28.15
N ILE B 136 -9.97 13.55 28.57
CA ILE B 136 -11.25 13.48 27.86
C ILE B 136 -12.38 14.08 28.69
N VAL B 137 -12.95 15.16 28.18
CA VAL B 137 -14.03 15.85 28.87
C VAL B 137 -15.39 15.40 28.37
N MET B 138 -16.22 14.90 29.28
CA MET B 138 -17.58 14.47 28.95
C MET B 138 -18.56 15.07 29.94
N PRO B 139 -19.81 15.30 29.50
CA PRO B 139 -20.85 15.80 30.40
C PRO B 139 -20.98 14.91 31.64
N THR B 140 -21.27 15.51 32.79
CA THR B 140 -21.47 14.75 34.03
C THR B 140 -22.60 13.73 33.88
N THR B 141 -23.48 13.97 32.91
CA THR B 141 -24.63 13.11 32.67
C THR B 141 -24.30 11.87 31.84
N THR B 142 -23.02 11.73 31.45
CA THR B 142 -22.61 10.63 30.59
C THR B 142 -22.82 9.26 31.23
N PRO B 143 -23.59 8.39 30.57
CA PRO B 143 -23.82 7.01 31.03
C PRO B 143 -22.51 6.35 31.49
N GLN B 144 -22.53 5.75 32.66
CA GLN B 144 -21.33 5.17 33.28
C GLN B 144 -20.59 4.19 32.37
N ILE B 145 -21.31 3.49 31.51
CA ILE B 145 -20.70 2.49 30.65
C ILE B 145 -19.77 3.13 29.59
N LYS B 146 -20.09 4.36 29.18
CA LYS B 146 -19.27 5.07 28.20
C LYS B 146 -18.04 5.68 28.86
N ILE B 147 -18.21 6.17 30.08
CA ILE B 147 -17.09 6.66 30.88
C ILE B 147 -16.07 5.55 31.12
N ASP B 148 -16.58 4.35 31.43
CA ASP B 148 -15.73 3.20 31.71
C ASP B 148 -14.97 2.74 30.47
N ALA B 149 -15.63 2.77 29.32
CA ALA B 149 -14.99 2.37 28.07
C ALA B 149 -13.76 3.23 27.80
N VAL B 150 -13.89 4.54 28.00
CA VAL B 150 -12.78 5.45 27.79
C VAL B 150 -11.69 5.29 28.86
N ARG B 151 -12.09 5.13 30.11
CA ARG B 151 -11.11 4.89 31.18
C ARG B 151 -10.35 3.59 30.97
N ALA B 152 -11.03 2.60 30.42
CA ALA B 152 -10.41 1.31 30.17
C ALA B 152 -9.30 1.43 29.13
N LEU B 153 -9.39 2.46 28.29
CA LEU B 153 -8.37 2.69 27.26
C LEU B 153 -7.21 3.53 27.81
N GLY B 154 -7.33 3.94 29.06
CA GLY B 154 -6.27 4.69 29.71
C GLY B 154 -6.54 6.18 29.71
N GLY B 155 -7.71 6.56 29.22
CA GLY B 155 -8.08 7.96 29.17
C GLY B 155 -8.26 8.56 30.55
N ASP B 156 -7.82 9.80 30.71
CA ASP B 156 -8.07 10.56 31.93
C ASP B 156 -9.40 11.29 31.78
N VAL B 157 -10.47 10.67 32.25
CA VAL B 157 -11.80 11.22 32.06
C VAL B 157 -12.12 12.33 33.04
N VAL B 158 -12.54 13.47 32.51
CA VAL B 158 -12.92 14.62 33.31
C VAL B 158 -14.39 14.96 33.06
N LEU B 159 -15.19 14.89 34.12
CA LEU B 159 -16.63 15.16 34.02
C LEU B 159 -16.93 16.65 34.18
N TYR B 160 -17.70 17.20 33.25
CA TYR B 160 -18.13 18.59 33.34
C TYR B 160 -19.28 18.91 32.39
N GLY B 161 -20.21 19.73 32.85
CA GLY B 161 -21.30 20.21 32.02
C GLY B 161 -22.49 19.27 31.98
N LYS B 162 -23.60 19.77 31.46
CA LYS B 162 -24.82 18.98 31.34
C LYS B 162 -24.94 18.44 29.91
N THR B 163 -24.44 19.21 28.95
CA THR B 163 -24.47 18.82 27.55
C THR B 163 -23.08 18.74 26.93
N PHE B 164 -22.99 18.16 25.75
CA PHE B 164 -21.73 18.01 25.05
C PHE B 164 -21.10 19.37 24.69
N ASP B 165 -21.93 20.30 24.22
CA ASP B 165 -21.45 21.63 23.85
C ASP B 165 -20.77 22.34 25.01
N GLU B 166 -21.25 22.07 26.22
CA GLU B 166 -20.67 22.65 27.43
C GLU B 166 -19.37 21.96 27.80
N ALA B 167 -19.36 20.63 27.68
CA ALA B 167 -18.15 19.85 27.87
C ALA B 167 -17.08 20.31 26.87
N GLN B 168 -17.50 20.52 25.63
CA GLN B 168 -16.62 20.97 24.56
C GLN B 168 -16.00 22.33 24.87
N THR B 169 -16.84 23.28 25.26
CA THR B 169 -16.39 24.60 25.64
C THR B 169 -15.40 24.53 26.80
N HIS B 170 -15.78 23.83 27.86
CA HIS B 170 -14.92 23.66 29.02
C HIS B 170 -13.57 23.04 28.64
N ALA B 171 -13.59 22.19 27.60
CA ALA B 171 -12.37 21.55 27.13
C ALA B 171 -11.55 22.50 26.27
N LEU B 172 -12.22 23.21 25.36
CA LEU B 172 -11.55 24.20 24.51
C LEU B 172 -10.87 25.28 25.35
N GLU B 173 -11.50 25.68 26.44
CA GLU B 173 -10.94 26.71 27.30
C GLU B 173 -9.91 26.15 28.29
N LEU B 174 -10.11 24.91 28.71
CA LEU B 174 -9.14 24.24 29.57
C LEU B 174 -7.88 23.94 28.76
N SER B 175 -8.03 23.99 27.44
CA SER B 175 -6.93 23.76 26.51
C SER B 175 -5.98 24.95 26.45
N GLU B 176 -6.53 26.12 26.11
CA GLU B 176 -5.75 27.35 26.06
C GLU B 176 -5.22 27.73 27.44
N LYS B 177 -6.03 27.48 28.46
CA LYS B 177 -5.66 27.79 29.84
C LYS B 177 -4.45 26.99 30.32
N ASP B 178 -4.51 25.67 30.15
CA ASP B 178 -3.45 24.79 30.64
C ASP B 178 -2.37 24.50 29.59
N GLY B 179 -2.53 25.09 28.41
CA GLY B 179 -1.59 24.87 27.32
C GLY B 179 -1.53 23.42 26.89
N LEU B 180 -2.72 22.81 26.78
CA LEU B 180 -2.82 21.43 26.30
C LEU B 180 -3.30 21.41 24.86
N LYS B 181 -2.66 20.60 24.02
CA LYS B 181 -3.05 20.48 22.63
C LYS B 181 -4.45 19.89 22.50
N TYR B 182 -5.30 20.55 21.71
CA TYR B 182 -6.67 20.07 21.51
C TYR B 182 -6.77 19.19 20.27
N ILE B 183 -7.27 17.97 20.44
CA ILE B 183 -7.41 17.04 19.34
C ILE B 183 -8.80 17.15 18.70
N PRO B 184 -8.86 17.72 17.49
CA PRO B 184 -10.14 17.93 16.80
C PRO B 184 -10.71 16.62 16.28
N PRO B 185 -12.05 16.50 16.22
CA PRO B 185 -12.70 15.29 15.72
C PRO B 185 -12.61 15.15 14.21
N PHE B 186 -12.42 16.25 13.49
CA PHE B 186 -12.42 16.19 12.02
C PHE B 186 -11.76 17.35 11.27
N ASP B 187 -11.85 18.57 11.81
CA ASP B 187 -11.43 19.76 11.05
C ASP B 187 -9.95 20.07 11.22
N ASP B 188 -9.11 19.21 10.66
CA ASP B 188 -7.66 19.31 10.82
C ASP B 188 -6.98 18.41 9.79
N PRO B 189 -5.94 18.92 9.11
CA PRO B 189 -5.29 18.14 8.05
C PRO B 189 -4.69 16.83 8.56
N GLY B 190 -4.12 16.83 9.76
CA GLY B 190 -3.57 15.62 10.36
C GLY B 190 -4.62 14.55 10.58
N VAL B 191 -5.82 14.96 10.97
CA VAL B 191 -6.91 14.02 11.20
C VAL B 191 -7.40 13.48 9.87
N ILE B 192 -7.59 14.37 8.91
CA ILE B 192 -8.01 14.00 7.57
C ILE B 192 -7.05 12.99 6.92
N LYS B 193 -5.76 13.21 7.11
CA LYS B 193 -4.74 12.32 6.56
C LYS B 193 -4.84 10.94 7.22
N GLY B 194 -5.07 10.90 8.52
CA GLY B 194 -5.33 9.65 9.22
C GLY B 194 -6.50 8.87 8.63
N GLN B 195 -7.64 9.54 8.40
CA GLN B 195 -8.79 8.83 7.85
C GLN B 195 -8.54 8.37 6.41
N GLY B 196 -7.70 9.11 5.67
CA GLY B 196 -7.44 8.79 4.28
C GLY B 196 -6.75 7.45 4.04
N THR B 197 -6.06 6.94 5.06
CA THR B 197 -5.45 5.62 4.96
C THR B 197 -6.49 4.57 4.58
N ILE B 198 -7.75 4.84 4.89
CA ILE B 198 -8.83 3.94 4.52
C ILE B 198 -8.98 3.86 3.00
N GLY B 199 -8.71 4.97 2.32
CA GLY B 199 -8.73 5.01 0.87
C GLY B 199 -7.64 4.11 0.30
N THR B 200 -6.42 4.24 0.81
CA THR B 200 -5.32 3.37 0.42
C THR B 200 -5.73 1.90 0.50
N GLU B 201 -6.32 1.50 1.63
CA GLU B 201 -6.69 0.10 1.84
C GLU B 201 -7.76 -0.39 0.88
N ILE B 202 -8.83 0.38 0.73
CA ILE B 202 -9.91 0.00 -0.18
C ILE B 202 -9.40 -0.20 -1.61
N ASN B 203 -8.56 0.72 -2.08
CA ASN B 203 -8.00 0.59 -3.41
C ASN B 203 -7.09 -0.64 -3.53
N ARG B 204 -6.34 -0.91 -2.46
CA ARG B 204 -5.47 -2.08 -2.42
C ARG B 204 -6.31 -3.35 -2.53
N GLN B 205 -7.46 -3.34 -1.85
CA GLN B 205 -8.27 -4.54 -1.70
C GLN B 205 -9.19 -4.80 -2.90
N LEU B 206 -9.48 -3.76 -3.68
CA LEU B 206 -10.45 -3.88 -4.76
C LEU B 206 -10.23 -2.84 -5.85
N LYS B 207 -10.02 -3.29 -7.08
CA LYS B 207 -9.83 -2.38 -8.21
C LYS B 207 -11.14 -2.17 -8.96
N ASP B 208 -11.14 -1.21 -9.89
CA ASP B 208 -12.30 -0.97 -10.75
C ASP B 208 -13.59 -0.72 -9.96
N ILE B 209 -13.56 0.30 -9.11
CA ILE B 209 -14.71 0.60 -8.27
C ILE B 209 -15.57 1.69 -8.89
N HIS B 210 -16.85 1.40 -9.10
CA HIS B 210 -17.77 2.38 -9.67
C HIS B 210 -18.04 3.54 -8.70
N ALA B 211 -18.28 3.22 -7.43
CA ALA B 211 -18.61 4.23 -6.44
C ALA B 211 -18.28 3.79 -5.02
N VAL B 212 -17.74 4.72 -4.24
CA VAL B 212 -17.53 4.54 -2.82
C VAL B 212 -18.48 5.45 -2.05
N PHE B 213 -19.28 4.89 -1.14
CA PHE B 213 -20.21 5.66 -0.32
C PHE B 213 -19.71 5.82 1.11
N ILE B 214 -19.78 7.06 1.60
CA ILE B 214 -19.11 7.43 2.84
C ILE B 214 -20.01 8.30 3.71
N PRO B 215 -20.13 7.96 5.00
CA PRO B 215 -20.98 8.75 5.88
C PRO B 215 -20.31 10.08 6.15
N VAL B 216 -21.08 11.15 6.24
CA VAL B 216 -20.51 12.48 6.46
C VAL B 216 -21.08 13.17 7.70
N GLY B 217 -20.22 13.36 8.70
CA GLY B 217 -20.55 14.21 9.83
C GLY B 217 -19.85 15.55 9.63
N GLY B 218 -18.70 15.71 10.26
CA GLY B 218 -17.87 16.90 10.06
C GLY B 218 -17.12 16.89 8.73
N GLY B 219 -16.88 15.70 8.19
CA GLY B 219 -16.30 15.55 6.87
C GLY B 219 -14.87 15.05 6.81
N GLY B 220 -14.32 14.66 7.97
CA GLY B 220 -12.95 14.16 8.02
C GLY B 220 -12.72 12.89 7.22
N LEU B 221 -13.62 11.92 7.39
CA LEU B 221 -13.52 10.65 6.68
C LEU B 221 -13.61 10.83 5.17
N ILE B 222 -14.68 11.46 4.69
CA ILE B 222 -14.84 11.65 3.25
C ILE B 222 -13.71 12.47 2.65
N ALA B 223 -13.26 13.51 3.36
CA ALA B 223 -12.16 14.33 2.87
C ALA B 223 -10.88 13.51 2.67
N GLY B 224 -10.58 12.64 3.63
CA GLY B 224 -9.38 11.82 3.55
C GLY B 224 -9.46 10.81 2.41
N VAL B 225 -10.58 10.11 2.34
CA VAL B 225 -10.75 9.06 1.35
C VAL B 225 -10.83 9.64 -0.07
N ALA B 226 -11.55 10.75 -0.23
CA ALA B 226 -11.64 11.42 -1.52
C ALA B 226 -10.28 11.89 -2.01
N THR B 227 -9.48 12.45 -1.10
CA THR B 227 -8.16 12.95 -1.44
C THR B 227 -7.29 11.86 -2.04
N PHE B 228 -7.32 10.68 -1.41
CA PHE B 228 -6.59 9.53 -1.96
C PHE B 228 -7.20 9.08 -3.30
N PHE B 229 -8.50 8.82 -3.32
CA PHE B 229 -9.15 8.23 -4.48
C PHE B 229 -9.16 9.08 -5.75
N LYS B 230 -9.31 10.39 -5.59
CA LYS B 230 -9.40 11.26 -6.75
C LYS B 230 -8.05 11.43 -7.44
N GLN B 231 -6.97 11.03 -6.78
CA GLN B 231 -5.65 11.06 -7.37
C GLN B 231 -5.25 9.71 -7.96
N ILE B 232 -5.66 8.61 -7.32
CA ILE B 232 -5.26 7.27 -7.75
C ILE B 232 -6.25 6.62 -8.72
N ALA B 233 -7.55 6.84 -8.50
CA ALA B 233 -8.58 6.32 -9.40
C ALA B 233 -9.69 7.35 -9.62
N PRO B 234 -9.39 8.41 -10.39
CA PRO B 234 -10.24 9.59 -10.56
C PRO B 234 -11.64 9.25 -11.08
N ASN B 235 -11.78 8.13 -11.79
CA ASN B 235 -13.05 7.76 -12.38
C ASN B 235 -14.01 7.08 -11.42
N THR B 236 -13.51 6.75 -10.23
CA THR B 236 -14.36 6.19 -9.19
C THR B 236 -15.14 7.32 -8.53
N LYS B 237 -16.45 7.16 -8.41
CA LYS B 237 -17.27 8.17 -7.77
C LYS B 237 -17.10 8.12 -6.27
N ILE B 238 -16.90 9.28 -5.66
CA ILE B 238 -16.87 9.41 -4.21
C ILE B 238 -18.13 10.18 -3.81
N ILE B 239 -19.03 9.49 -3.11
CA ILE B 239 -20.33 10.06 -2.77
C ILE B 239 -20.55 10.08 -1.25
N GLY B 240 -20.85 11.26 -0.71
CA GLY B 240 -21.19 11.38 0.69
C GLY B 240 -22.64 10.99 0.94
N VAL B 241 -22.91 10.50 2.15
CA VAL B 241 -24.27 10.11 2.53
C VAL B 241 -24.61 10.77 3.86
N GLU B 242 -25.81 11.32 3.96
CA GLU B 242 -26.27 12.01 5.16
C GLU B 242 -27.76 11.72 5.36
N PRO B 243 -28.22 11.77 6.61
CA PRO B 243 -29.66 11.67 6.87
C PRO B 243 -30.34 12.97 6.45
N TYR B 244 -31.58 12.91 5.98
CA TYR B 244 -32.33 14.10 5.61
C TYR B 244 -32.29 15.14 6.74
N GLY B 245 -32.42 14.68 7.97
CA GLY B 245 -32.53 15.56 9.11
C GLY B 245 -31.23 16.10 9.65
N ALA B 246 -30.13 15.79 8.96
CA ALA B 246 -28.83 16.30 9.39
C ALA B 246 -27.90 16.57 8.21
N ALA B 247 -28.44 17.15 7.15
CA ALA B 247 -27.72 17.28 5.90
C ALA B 247 -26.91 18.57 5.79
N SER B 248 -26.05 18.80 6.77
CA SER B 248 -25.22 20.00 6.77
C SER B 248 -24.25 20.09 5.59
N MET B 249 -23.51 19.00 5.29
CA MET B 249 -22.57 19.04 4.18
C MET B 249 -23.32 19.23 2.86
N THR B 250 -24.43 18.53 2.71
CA THR B 250 -25.23 18.63 1.49
C THR B 250 -25.75 20.06 1.29
N LEU B 251 -26.20 20.69 2.37
CA LEU B 251 -26.77 22.02 2.29
C LEU B 251 -25.67 23.04 2.01
N SER B 252 -24.56 22.91 2.73
CA SER B 252 -23.40 23.78 2.51
C SER B 252 -22.90 23.73 1.07
N LEU B 253 -22.75 22.53 0.54
CA LEU B 253 -22.27 22.37 -0.83
C LEU B 253 -23.24 23.06 -1.80
N HIS B 254 -24.52 22.95 -1.49
CA HIS B 254 -25.57 23.56 -2.29
C HIS B 254 -25.46 25.09 -2.29
N GLU B 255 -25.26 25.65 -1.10
CA GLU B 255 -25.16 27.10 -0.93
C GLU B 255 -23.81 27.67 -1.37
N GLY B 256 -22.78 26.83 -1.45
CA GLY B 256 -21.45 27.28 -1.83
C GLY B 256 -20.67 27.80 -0.64
N HIS B 257 -21.21 27.62 0.56
CA HIS B 257 -20.51 28.02 1.77
C HIS B 257 -21.06 27.26 2.96
N ARG B 258 -20.29 27.22 4.05
CA ARG B 258 -20.73 26.49 5.23
C ARG B 258 -22.00 27.05 5.84
N VAL B 259 -22.98 26.17 6.02
CA VAL B 259 -24.26 26.52 6.61
C VAL B 259 -24.40 25.80 7.95
N LYS B 260 -24.73 26.54 9.00
CA LYS B 260 -24.98 25.91 10.30
C LYS B 260 -26.45 25.55 10.42
N LEU B 261 -26.74 24.26 10.54
CA LEU B 261 -28.11 23.77 10.71
C LEU B 261 -28.61 24.14 12.10
N SER B 262 -29.86 24.61 12.17
CA SER B 262 -30.44 24.98 13.45
C SER B 262 -30.97 23.74 14.17
N ASN B 263 -31.46 22.78 13.40
CA ASN B 263 -32.05 21.58 13.96
C ASN B 263 -31.46 20.31 13.36
N VAL B 264 -30.82 19.52 14.19
CA VAL B 264 -30.16 18.30 13.71
C VAL B 264 -30.80 17.04 14.30
N ASP B 265 -31.35 16.20 13.43
CA ASP B 265 -31.80 14.89 13.85
C ASP B 265 -30.63 14.11 14.43
N THR B 266 -30.86 13.40 15.54
CA THR B 266 -29.78 12.70 16.23
C THR B 266 -29.92 11.18 16.22
N PHE B 267 -30.83 10.65 15.40
CA PHE B 267 -30.96 9.20 15.27
C PHE B 267 -29.59 8.57 14.96
N ALA B 268 -28.92 9.13 13.96
CA ALA B 268 -27.53 8.77 13.67
C ALA B 268 -26.60 9.74 14.39
N ASP B 269 -26.34 9.45 15.66
CA ASP B 269 -25.61 10.38 16.53
C ASP B 269 -24.24 10.81 15.96
N GLY B 270 -23.50 9.86 15.45
CA GLY B 270 -22.16 10.13 14.93
C GLY B 270 -22.09 11.17 13.83
N VAL B 271 -23.08 11.18 12.93
CA VAL B 271 -23.09 12.16 11.86
C VAL B 271 -24.03 13.34 12.12
N ALA B 272 -24.46 13.51 13.38
CA ALA B 272 -25.37 14.60 13.73
C ALA B 272 -24.59 15.88 13.99
N VAL B 273 -23.99 16.42 12.94
CA VAL B 273 -23.11 17.57 13.05
C VAL B 273 -23.80 18.76 12.41
N ALA B 274 -23.89 19.86 13.15
CA ALA B 274 -24.62 21.04 12.68
C ALA B 274 -23.80 21.86 11.70
N LEU B 275 -22.49 21.94 11.93
CA LEU B 275 -21.60 22.76 11.11
C LEU B 275 -20.37 21.95 10.69
N VAL B 276 -20.23 21.72 9.38
CA VAL B 276 -19.09 20.94 8.89
C VAL B 276 -17.80 21.75 9.04
N GLY B 277 -16.66 21.09 8.88
CA GLY B 277 -15.37 21.75 9.08
C GLY B 277 -14.96 22.61 7.90
N GLU B 278 -14.02 23.53 8.14
CA GLU B 278 -13.48 24.37 7.08
C GLU B 278 -12.65 23.58 6.07
N TYR B 279 -11.66 22.85 6.58
CA TYR B 279 -10.77 22.05 5.73
C TYR B 279 -11.53 21.01 4.94
N THR B 280 -12.51 20.39 5.61
CA THR B 280 -13.22 19.25 5.02
C THR B 280 -14.25 19.71 4.02
N PHE B 281 -14.90 20.83 4.29
CA PHE B 281 -15.78 21.43 3.31
C PHE B 281 -15.00 21.77 2.04
N ALA B 282 -13.83 22.39 2.20
CA ALA B 282 -13.01 22.75 1.05
C ALA B 282 -12.68 21.51 0.22
N LYS B 283 -12.25 20.44 0.88
CA LYS B 283 -11.92 19.20 0.18
C LYS B 283 -13.11 18.64 -0.57
N CYS B 284 -14.28 18.65 0.07
CA CYS B 284 -15.49 18.18 -0.61
C CYS B 284 -15.82 19.03 -1.84
N GLN B 285 -15.71 20.36 -1.71
CA GLN B 285 -15.92 21.22 -2.87
C GLN B 285 -14.96 20.83 -4.00
N GLU B 286 -13.69 20.66 -3.64
CA GLU B 286 -12.64 20.36 -4.60
C GLU B 286 -12.79 18.99 -5.27
N LEU B 287 -13.37 18.00 -4.56
CA LEU B 287 -13.16 16.60 -4.94
C LEU B 287 -14.36 15.70 -5.23
N ILE B 288 -15.42 15.77 -4.43
CA ILE B 288 -16.44 14.72 -4.46
C ILE B 288 -17.46 14.88 -5.59
N ASP B 289 -18.11 13.77 -5.93
CA ASP B 289 -19.06 13.74 -7.02
C ASP B 289 -20.45 14.21 -6.63
N GLY B 290 -20.74 14.17 -5.32
CA GLY B 290 -22.03 14.56 -4.82
C GLY B 290 -22.44 13.93 -3.53
N MET B 291 -23.72 14.09 -3.20
CA MET B 291 -24.27 13.64 -1.93
C MET B 291 -25.56 12.88 -2.15
N VAL B 292 -25.82 11.92 -1.27
CA VAL B 292 -27.04 11.16 -1.29
C VAL B 292 -27.68 11.26 0.10
N LEU B 293 -29.01 11.27 0.16
CA LEU B 293 -29.70 11.40 1.44
C LEU B 293 -30.48 10.14 1.77
N VAL B 294 -30.58 9.83 3.06
CA VAL B 294 -31.36 8.67 3.51
C VAL B 294 -32.20 9.02 4.73
N ALA B 295 -33.29 8.30 4.92
CA ALA B 295 -34.14 8.48 6.09
C ALA B 295 -33.81 7.44 7.16
N ASN B 296 -34.37 7.63 8.36
CA ASN B 296 -34.09 6.74 9.48
C ASN B 296 -34.57 5.30 9.27
N ASP B 297 -35.64 5.11 8.50
CA ASP B 297 -36.07 3.76 8.17
C ASP B 297 -35.12 3.06 7.18
N GLY B 298 -34.49 3.84 6.31
CA GLY B 298 -33.48 3.29 5.41
C GLY B 298 -32.22 2.90 6.16
N ILE B 299 -31.81 3.75 7.08
CA ILE B 299 -30.67 3.47 7.94
C ILE B 299 -30.92 2.19 8.76
N SER B 300 -32.14 2.06 9.29
CA SER B 300 -32.51 0.90 10.08
C SER B 300 -32.54 -0.38 9.24
N ALA B 301 -33.04 -0.27 8.00
CA ALA B 301 -33.07 -1.41 7.10
C ALA B 301 -31.66 -1.86 6.73
N ALA B 302 -30.72 -0.92 6.74
CA ALA B 302 -29.33 -1.23 6.43
C ALA B 302 -28.67 -1.96 7.59
N ILE B 303 -29.04 -1.58 8.81
CA ILE B 303 -28.60 -2.32 9.98
C ILE B 303 -29.09 -3.76 9.90
N LYS B 304 -30.36 -3.93 9.53
CA LYS B 304 -30.92 -5.26 9.36
C LYS B 304 -30.22 -6.03 8.24
N ASP B 305 -29.96 -5.35 7.12
CA ASP B 305 -29.25 -5.97 5.99
C ASP B 305 -27.94 -6.61 6.43
N VAL B 306 -27.11 -5.84 7.13
CA VAL B 306 -25.83 -6.35 7.58
C VAL B 306 -25.99 -7.49 8.59
N TYR B 307 -26.97 -7.36 9.48
CA TYR B 307 -27.27 -8.43 10.44
C TYR B 307 -27.65 -9.71 9.71
N ASP B 308 -28.40 -9.56 8.62
CA ASP B 308 -28.83 -10.70 7.81
C ASP B 308 -27.66 -11.40 7.10
N GLU B 309 -26.55 -10.68 6.90
CA GLU B 309 -25.36 -11.30 6.33
C GLU B 309 -24.65 -12.19 7.34
N GLY B 310 -24.30 -11.62 8.49
CA GLY B 310 -23.49 -12.33 9.47
C GLY B 310 -23.76 -12.08 10.94
N ARG B 311 -24.92 -11.51 11.26
CA ARG B 311 -25.34 -11.29 12.65
C ARG B 311 -24.54 -10.24 13.40
N ASN B 312 -23.76 -9.43 12.69
CA ASN B 312 -23.08 -8.28 13.28
C ASN B 312 -24.03 -7.09 13.34
N ILE B 313 -23.91 -6.26 14.37
CA ILE B 313 -24.72 -5.05 14.45
C ILE B 313 -23.87 -3.79 14.24
N LEU B 314 -24.28 -2.94 13.30
CA LEU B 314 -23.64 -1.64 13.13
C LEU B 314 -24.43 -0.59 13.90
N GLU B 315 -23.77 0.45 14.40
CA GLU B 315 -24.51 1.58 14.95
C GLU B 315 -25.18 2.34 13.81
N THR B 316 -26.16 3.17 14.13
CA THR B 316 -26.93 3.87 13.09
C THR B 316 -26.01 4.64 12.13
N SER B 317 -25.01 5.34 12.67
CA SER B 317 -24.09 6.11 11.82
C SER B 317 -23.26 5.21 10.94
N GLY B 318 -22.96 4.01 11.43
CA GLY B 318 -22.15 3.07 10.71
C GLY B 318 -22.87 2.45 9.53
N ALA B 319 -24.20 2.47 9.55
CA ALA B 319 -25.01 1.89 8.48
C ALA B 319 -25.50 2.94 7.46
N VAL B 320 -25.25 4.22 7.75
CA VAL B 320 -25.69 5.31 6.88
C VAL B 320 -25.22 5.16 5.42
N ALA B 321 -23.92 4.95 5.22
CA ALA B 321 -23.38 4.79 3.86
C ALA B 321 -23.94 3.56 3.13
N ILE B 322 -24.20 2.50 3.89
CA ILE B 322 -24.78 1.29 3.32
C ILE B 322 -26.19 1.56 2.80
N ALA B 323 -26.99 2.26 3.61
CA ALA B 323 -28.31 2.70 3.17
C ALA B 323 -28.23 3.55 1.89
N GLY B 324 -27.31 4.51 1.89
CA GLY B 324 -27.10 5.36 0.73
C GLY B 324 -26.72 4.57 -0.51
N ALA B 325 -25.73 3.68 -0.39
CA ALA B 325 -25.27 2.88 -1.51
C ALA B 325 -26.37 2.01 -2.10
N ALA B 326 -27.14 1.36 -1.23
CA ALA B 326 -28.24 0.52 -1.69
C ALA B 326 -29.32 1.35 -2.38
N ALA B 327 -29.66 2.50 -1.80
CA ALA B 327 -30.71 3.33 -2.37
C ALA B 327 -30.27 3.84 -3.74
N TYR B 328 -29.00 4.21 -3.84
CA TYR B 328 -28.43 4.71 -5.08
C TYR B 328 -28.46 3.64 -6.17
N CYS B 329 -28.15 2.39 -5.80
CA CYS B 329 -28.14 1.30 -6.76
C CYS B 329 -29.53 1.00 -7.31
N GLU B 330 -30.53 1.04 -6.44
CA GLU B 330 -31.89 0.77 -6.87
C GLU B 330 -32.47 1.93 -7.69
N PHE B 331 -32.12 3.15 -7.31
CA PHE B 331 -32.62 4.32 -8.02
C PHE B 331 -32.09 4.41 -9.45
N TYR B 332 -30.81 4.17 -9.62
CA TYR B 332 -30.18 4.29 -10.93
C TYR B 332 -30.08 2.95 -11.64
N LYS B 333 -30.67 1.92 -11.03
CA LYS B 333 -30.64 0.57 -11.60
C LYS B 333 -29.24 0.09 -11.97
N ILE B 334 -28.28 0.38 -11.12
CA ILE B 334 -26.90 -0.09 -11.30
C ILE B 334 -26.86 -1.61 -11.34
N LYS B 335 -26.11 -2.15 -12.29
CA LYS B 335 -25.96 -3.60 -12.42
C LYS B 335 -24.51 -3.94 -12.70
N ASN B 336 -24.06 -5.06 -12.14
CA ASN B 336 -22.73 -5.58 -12.43
C ASN B 336 -21.63 -4.54 -12.31
N GLU B 337 -21.67 -3.78 -11.22
CA GLU B 337 -20.61 -2.83 -10.90
C GLU B 337 -20.08 -3.16 -9.53
N ASN B 338 -18.89 -2.67 -9.23
CA ASN B 338 -18.35 -2.75 -7.88
C ASN B 338 -18.76 -1.51 -7.06
N ILE B 339 -19.43 -1.77 -5.94
CA ILE B 339 -19.93 -0.71 -5.08
C ILE B 339 -19.36 -0.93 -3.68
N VAL B 340 -18.78 0.12 -3.09
CA VAL B 340 -18.24 0.03 -1.75
C VAL B 340 -18.97 0.99 -0.81
N ALA B 341 -19.36 0.50 0.36
CA ALA B 341 -19.92 1.34 1.40
C ALA B 341 -19.09 1.18 2.65
N ILE B 342 -18.84 2.28 3.35
CA ILE B 342 -18.06 2.20 4.56
C ILE B 342 -18.94 2.02 5.80
N ALA B 343 -18.76 0.87 6.46
CA ALA B 343 -19.34 0.64 7.78
C ALA B 343 -18.42 1.27 8.81
N SER B 344 -18.77 2.49 9.23
CA SER B 344 -17.84 3.34 9.97
C SER B 344 -17.72 3.07 11.47
N GLY B 345 -18.70 2.39 12.06
CA GLY B 345 -18.66 2.12 13.49
C GLY B 345 -19.75 1.18 14.01
N ALA B 346 -19.57 0.71 15.23
CA ALA B 346 -20.55 -0.19 15.86
C ALA B 346 -20.58 -0.01 17.38
N ASN B 347 -20.55 1.25 17.83
CA ASN B 347 -20.76 1.58 19.23
C ASN B 347 -22.15 2.17 19.42
N MET B 348 -23.06 1.35 19.88
CA MET B 348 -24.45 1.73 20.01
C MET B 348 -25.02 0.97 21.18
N ASP B 349 -25.78 1.66 22.03
CA ASP B 349 -26.44 1.02 23.16
CA ASP B 349 -26.42 1.00 23.16
C ASP B 349 -27.35 -0.09 22.63
N PHE B 350 -27.32 -1.25 23.28
CA PHE B 350 -28.18 -2.37 22.87
C PHE B 350 -29.64 -1.92 22.75
N SER B 351 -30.10 -1.10 23.70
CA SER B 351 -31.49 -0.64 23.73
C SER B 351 -31.96 0.05 22.45
N LYS B 352 -31.05 0.74 21.77
CA LYS B 352 -31.43 1.46 20.55
C LYS B 352 -32.00 0.53 19.48
N LEU B 353 -31.74 -0.77 19.59
CA LEU B 353 -32.28 -1.72 18.62
C LEU B 353 -33.80 -1.80 18.70
N HIS B 354 -34.35 -1.44 19.85
CA HIS B 354 -35.82 -1.39 19.99
C HIS B 354 -36.40 -0.48 18.91
N LYS B 355 -35.90 0.75 18.84
CA LYS B 355 -36.33 1.70 17.82
C LYS B 355 -35.94 1.26 16.41
N VAL B 356 -34.73 0.73 16.25
CA VAL B 356 -34.27 0.29 14.94
C VAL B 356 -35.19 -0.79 14.33
N THR B 357 -35.57 -1.77 15.13
CA THR B 357 -36.46 -2.82 14.64
C THR B 357 -37.85 -2.29 14.24
N GLU B 358 -38.35 -1.29 14.97
CA GLU B 358 -39.62 -0.66 14.59
C GLU B 358 -39.51 0.03 13.24
N LEU B 359 -38.44 0.78 13.03
CA LEU B 359 -38.20 1.45 11.76
C LEU B 359 -37.95 0.49 10.60
N ALA B 360 -37.21 -0.58 10.85
CA ALA B 360 -36.95 -1.58 9.81
C ALA B 360 -38.23 -2.35 9.49
N GLY B 361 -39.21 -2.26 10.37
CA GLY B 361 -40.50 -2.92 10.17
C GLY B 361 -40.54 -4.32 10.76
N LEU B 362 -41.35 -4.50 11.80
CA LEU B 362 -41.44 -5.80 12.46
C LEU B 362 -42.86 -6.35 12.51
#